data_1N0H
#
_entry.id   1N0H
#
_cell.length_a   153.976
_cell.length_b   153.976
_cell.length_c   178.298
_cell.angle_alpha   90.00
_cell.angle_beta   90.00
_cell.angle_gamma   90.00
#
_symmetry.space_group_name_H-M   'P 4 2 2'
#
loop_
_entity.id
_entity.type
_entity.pdbx_description
1 polymer 'Acetolactate synthase'
2 non-polymer 'POTASSIUM ION'
3 non-polymer 'MAGNESIUM ION'
4 non-polymer '2-[[[[(4-CHLORO-6-METHOXY-2-PYRIMIDINYL)AMINO]CARBONYL]AMINO]SULFONYL]BENZOIC ACID ETHYL ESTER'
5 non-polymer 2,3-DIHYDROXY-1,4-DITHIOBUTANE
6 non-polymer "4-{[(4'-AMINO-2'-METHYLPYRIMIDIN-5'-YL)METHYL]AMINO}PENT-3-ENYL DIPHOSPHATE"
7 non-polymer 'FLAVIN-ADENINE DINUCLEOTIDE'
8 non-polymer 'THIAMINE DIPHOSPHATE'
9 water water
#
_entity_poly.entity_id   1
_entity_poly.type   'polypeptide(L)'
_entity_poly.pdbx_seq_one_letter_code
;MHHHHHHSSGLVPRGSGMKETAAAKFERQHMDSPDLGTDDDDKAMGSAPSFNVDPLEQPAEPSKLAKKLRAEPDMDTSFV
GLTGGQIFNEMMSRQNVDTVFGYPGGAILPVYDAIHNSDKFNFVLPKHEQGAGHMAEGYARASGKPGVVLVTSGPGATNV
VTPMADAFADGIPMVVFTGQVPTSAIGTDAFQEADVVGISRSCTKWNVMVKSVEELPLRINEAFEIATSGRPGPVLVDLP
KDVTAAILRNPIPTKTTLPSNALNQLTSRAQDEFVMQSINKAADLINLAKKPVLYVGAGILNHADGPRLLKELSDRAQIP
VTTTLQGLGSFDQEDPKSLDMLGMHGCATANLAVQNADLIIAVGARFDDRVTGNISKFAPEARRAAAEGRGGIIHFEVSP
KNINKVVQTQIAVEGDATTNLGKMMSKIFPVKERSEWFAQINKWKKEYPYAYMEETPGSKIKPQTVIKKLSKVANDTGRH
VIVTTGVGQHQMWAAQHWTWRNPHTFITSGGLGTMGYGLPAAIGAQVAKPESLVIDIDGDASFNMTLTELSSAVQAGTPV
KILILNNEEQGMVTQWQSLFYEHRYSHTHQLNPDFIKLAEAMGLKGLRVKKQEELDAKLKEFVSTKGPVLLEVEVDKKVP
VLPMVAGGSGLDEFINFDPEVERQQTELRHKRTGGKH
;
_entity_poly.pdbx_strand_id   A,B
#
# COMPACT_ATOMS: atom_id res chain seq x y z
N PRO A 73 2.74 34.77 -27.07
CA PRO A 73 1.91 33.58 -26.75
C PRO A 73 0.42 33.92 -26.67
N ASP A 74 -0.38 33.29 -27.54
CA ASP A 74 -1.82 33.52 -27.57
C ASP A 74 -2.47 33.15 -26.23
N MET A 75 -3.26 34.07 -25.67
CA MET A 75 -3.89 33.86 -24.38
C MET A 75 -5.35 33.39 -24.38
N ASP A 76 -5.72 32.75 -23.27
CA ASP A 76 -7.07 32.23 -23.03
C ASP A 76 -7.51 32.78 -21.68
N THR A 77 -8.74 33.27 -21.61
CA THR A 77 -9.27 33.83 -20.37
C THR A 77 -10.46 33.04 -19.82
N SER A 78 -10.87 32.00 -20.52
CA SER A 78 -12.03 31.21 -20.10
C SER A 78 -11.97 30.58 -18.71
N PHE A 79 -10.77 30.35 -18.17
CA PHE A 79 -10.66 29.74 -16.85
C PHE A 79 -10.48 30.77 -15.75
N VAL A 80 -10.31 32.01 -16.17
CA VAL A 80 -10.14 33.09 -15.22
C VAL A 80 -11.36 33.21 -14.32
N GLY A 81 -11.14 33.20 -13.01
CA GLY A 81 -12.23 33.30 -12.07
C GLY A 81 -12.52 31.97 -11.40
N LEU A 82 -12.10 30.88 -12.04
CA LEU A 82 -12.31 29.54 -11.50
C LEU A 82 -11.22 29.14 -10.51
N THR A 83 -11.50 28.13 -9.70
CA THR A 83 -10.53 27.64 -8.74
C THR A 83 -9.79 26.49 -9.40
N GLY A 84 -8.63 26.15 -8.87
CA GLY A 84 -7.87 25.05 -9.43
C GLY A 84 -8.77 23.84 -9.50
N GLY A 85 -9.54 23.62 -8.43
CA GLY A 85 -10.43 22.48 -8.39
C GLY A 85 -11.46 22.50 -9.50
N GLN A 86 -12.03 23.66 -9.78
CA GLN A 86 -13.03 23.77 -10.83
C GLN A 86 -12.38 23.55 -12.19
N ILE A 87 -11.16 24.05 -12.35
CA ILE A 87 -10.44 23.89 -13.59
C ILE A 87 -10.18 22.40 -13.81
N PHE A 88 -9.85 21.70 -12.72
CA PHE A 88 -9.61 20.26 -12.77
C PHE A 88 -10.86 19.57 -13.32
N ASN A 89 -12.02 19.97 -12.78
CA ASN A 89 -13.29 19.40 -13.21
C ASN A 89 -13.46 19.61 -14.72
N GLU A 90 -13.22 20.82 -15.19
CA GLU A 90 -13.36 21.10 -16.61
C GLU A 90 -12.38 20.29 -17.45
N MET A 91 -11.16 20.13 -16.97
CA MET A 91 -10.18 19.36 -17.73
C MET A 91 -10.53 17.89 -17.85
N MET A 92 -11.19 17.33 -16.84
CA MET A 92 -11.58 15.92 -16.91
C MET A 92 -12.55 15.76 -18.06
N SER A 93 -13.40 16.76 -18.23
CA SER A 93 -14.40 16.77 -19.28
C SER A 93 -13.71 16.88 -20.64
N ARG A 94 -12.76 17.79 -20.74
CA ARG A 94 -12.03 18.00 -21.99
C ARG A 94 -11.16 16.80 -22.34
N GLN A 95 -10.77 16.02 -21.33
CA GLN A 95 -9.94 14.85 -21.56
C GLN A 95 -10.77 13.60 -21.80
N ASN A 96 -12.09 13.79 -21.96
CA ASN A 96 -13.02 12.71 -22.21
C ASN A 96 -13.01 11.66 -21.09
N VAL A 97 -12.83 12.12 -19.85
CA VAL A 97 -12.81 11.22 -18.71
C VAL A 97 -14.25 11.01 -18.23
N ASP A 98 -14.70 9.76 -18.17
CA ASP A 98 -16.05 9.51 -17.72
C ASP A 98 -16.09 8.81 -16.36
N THR A 99 -14.91 8.46 -15.85
CA THR A 99 -14.83 7.79 -14.57
C THR A 99 -13.58 8.17 -13.81
N VAL A 100 -13.72 8.37 -12.50
CA VAL A 100 -12.60 8.70 -11.63
C VAL A 100 -12.69 7.83 -10.38
N PHE A 101 -11.58 7.19 -10.02
CA PHE A 101 -11.54 6.34 -8.83
C PHE A 101 -10.73 7.11 -7.80
N GLY A 102 -11.30 7.30 -6.60
CA GLY A 102 -10.57 8.04 -5.60
C GLY A 102 -11.06 7.89 -4.17
N TYR A 103 -10.37 8.58 -3.28
CA TYR A 103 -10.69 8.58 -1.86
C TYR A 103 -10.32 9.98 -1.36
N PRO A 104 -11.27 10.68 -0.71
CA PRO A 104 -11.04 12.03 -0.20
C PRO A 104 -10.08 12.15 0.98
N GLY A 105 -9.53 13.35 1.14
CA GLY A 105 -8.60 13.63 2.21
C GLY A 105 -8.47 15.14 2.33
N GLY A 106 -7.98 15.62 3.47
CA GLY A 106 -7.84 17.05 3.68
C GLY A 106 -7.16 17.82 2.55
N ALA A 107 -5.95 17.41 2.21
CA ALA A 107 -5.17 18.09 1.18
C ALA A 107 -5.84 18.18 -0.18
N ILE A 108 -6.64 17.18 -0.53
CA ILE A 108 -7.30 17.17 -1.84
C ILE A 108 -8.75 17.68 -1.80
N LEU A 109 -9.20 18.14 -0.63
CA LEU A 109 -10.56 18.63 -0.52
C LEU A 109 -11.01 19.70 -1.52
N PRO A 110 -10.11 20.64 -1.87
CA PRO A 110 -10.50 21.68 -2.83
C PRO A 110 -10.98 21.08 -4.16
N VAL A 111 -10.38 19.98 -4.56
CA VAL A 111 -10.78 19.33 -5.81
C VAL A 111 -12.06 18.53 -5.62
N TYR A 112 -12.24 17.94 -4.44
CA TYR A 112 -13.44 17.17 -4.18
C TYR A 112 -14.68 18.05 -4.10
N ASP A 113 -14.52 19.23 -3.53
CA ASP A 113 -15.64 20.15 -3.43
C ASP A 113 -16.03 20.57 -4.85
N ALA A 114 -15.03 20.70 -5.72
CA ALA A 114 -15.25 21.11 -7.10
C ALA A 114 -15.96 20.05 -7.92
N ILE A 115 -15.66 18.78 -7.67
CA ILE A 115 -16.30 17.70 -8.42
C ILE A 115 -17.51 17.16 -7.67
N HIS A 116 -17.97 17.91 -6.67
CA HIS A 116 -19.13 17.49 -5.89
C HIS A 116 -20.37 17.47 -6.79
N ASN A 117 -21.04 16.32 -6.84
CA ASN A 117 -22.24 16.15 -7.65
C ASN A 117 -22.01 16.47 -9.12
N SER A 118 -20.74 16.53 -9.52
CA SER A 118 -20.40 16.82 -10.91
C SER A 118 -21.02 15.72 -11.77
N ASP A 119 -21.60 16.10 -12.90
CA ASP A 119 -22.19 15.10 -13.77
C ASP A 119 -21.30 14.88 -14.99
N LYS A 120 -20.06 15.36 -14.91
CA LYS A 120 -19.09 15.20 -15.98
C LYS A 120 -18.52 13.77 -15.99
N PHE A 121 -18.71 13.05 -14.89
CA PHE A 121 -18.19 11.69 -14.79
C PHE A 121 -18.67 10.98 -13.52
N ASN A 122 -18.52 9.66 -13.51
CA ASN A 122 -18.90 8.83 -12.38
C ASN A 122 -17.73 8.66 -11.45
N PHE A 123 -17.99 8.67 -10.16
CA PHE A 123 -16.94 8.53 -9.17
C PHE A 123 -17.07 7.19 -8.47
N VAL A 124 -15.97 6.46 -8.36
CA VAL A 124 -16.01 5.18 -7.68
C VAL A 124 -15.17 5.25 -6.41
N LEU A 125 -15.80 4.88 -5.30
CA LEU A 125 -15.15 4.92 -3.99
C LEU A 125 -14.73 3.55 -3.48
N PRO A 126 -13.44 3.40 -3.15
CA PRO A 126 -12.96 2.12 -2.63
C PRO A 126 -12.85 2.26 -1.12
N LYS A 127 -12.36 1.23 -0.43
CA LYS A 127 -12.21 1.32 1.01
C LYS A 127 -10.76 1.67 1.31
N HIS A 128 -9.90 1.47 0.32
CA HIS A 128 -8.47 1.71 0.44
C HIS A 128 -7.96 2.26 -0.91
N GLU A 129 -7.02 3.20 -0.87
CA GLU A 129 -6.50 3.78 -2.11
C GLU A 129 -5.91 2.75 -3.06
N GLN A 130 -5.32 1.70 -2.51
CA GLN A 130 -4.75 0.66 -3.34
C GLN A 130 -5.86 0.10 -4.21
N GLY A 131 -7.06 0.01 -3.63
CA GLY A 131 -8.19 -0.48 -4.36
C GLY A 131 -8.48 0.44 -5.53
N ALA A 132 -8.43 1.73 -5.27
CA ALA A 132 -8.68 2.72 -6.31
C ALA A 132 -7.71 2.52 -7.47
N GLY A 133 -6.43 2.37 -7.16
CA GLY A 133 -5.43 2.18 -8.19
C GLY A 133 -5.68 0.96 -9.04
N HIS A 134 -5.93 -0.19 -8.40
CA HIS A 134 -6.18 -1.41 -9.14
C HIS A 134 -7.48 -1.33 -9.92
N MET A 135 -8.46 -0.58 -9.41
CA MET A 135 -9.72 -0.42 -10.13
C MET A 135 -9.44 0.40 -11.39
N ALA A 136 -8.55 1.37 -11.27
CA ALA A 136 -8.19 2.21 -12.40
C ALA A 136 -7.51 1.36 -13.47
N GLU A 137 -6.64 0.45 -13.04
CA GLU A 137 -5.94 -0.42 -13.99
C GLU A 137 -6.92 -1.33 -14.71
N GLY A 138 -7.81 -1.95 -13.95
CA GLY A 138 -8.79 -2.84 -14.56
C GLY A 138 -9.63 -2.07 -15.56
N TYR A 139 -10.06 -0.88 -15.15
CA TYR A 139 -10.86 -0.03 -15.99
C TYR A 139 -10.11 0.27 -17.29
N ALA A 140 -8.86 0.70 -17.16
CA ALA A 140 -8.04 1.03 -18.33
C ALA A 140 -7.87 -0.17 -19.24
N ARG A 141 -7.58 -1.33 -18.65
CA ARG A 141 -7.40 -2.57 -19.40
C ARG A 141 -8.60 -2.94 -20.25
N ALA A 142 -9.79 -2.82 -19.68
CA ALA A 142 -11.02 -3.17 -20.38
C ALA A 142 -11.55 -2.11 -21.33
N SER A 143 -11.36 -0.84 -20.97
CA SER A 143 -11.88 0.25 -21.78
C SER A 143 -10.92 0.78 -22.84
N GLY A 144 -9.62 0.69 -22.57
CA GLY A 144 -8.67 1.22 -23.53
C GLY A 144 -8.35 2.66 -23.18
N LYS A 145 -9.18 3.29 -22.36
CA LYS A 145 -8.98 4.67 -21.93
C LYS A 145 -8.10 4.66 -20.70
N PRO A 146 -7.46 5.81 -20.40
CA PRO A 146 -6.61 5.84 -19.21
C PRO A 146 -7.43 5.85 -17.93
N GLY A 147 -6.93 5.18 -16.89
CA GLY A 147 -7.63 5.15 -15.62
C GLY A 147 -7.23 6.35 -14.78
N VAL A 148 -8.21 7.10 -14.31
CA VAL A 148 -7.94 8.29 -13.51
C VAL A 148 -8.14 8.06 -12.02
N VAL A 149 -7.10 8.37 -11.24
CA VAL A 149 -7.14 8.20 -9.78
C VAL A 149 -7.00 9.56 -9.08
N LEU A 150 -7.80 9.75 -8.03
CA LEU A 150 -7.78 11.01 -7.28
C LEU A 150 -7.71 10.73 -5.80
N VAL A 151 -6.54 10.91 -5.21
CA VAL A 151 -6.37 10.67 -3.78
C VAL A 151 -5.72 11.85 -3.06
N THR A 152 -5.70 11.79 -1.74
CA THR A 152 -5.13 12.86 -0.93
C THR A 152 -3.63 12.69 -0.71
N SER A 153 -3.05 13.59 0.06
CA SER A 153 -1.61 13.55 0.32
C SER A 153 -1.23 12.48 1.33
N GLY A 154 0.06 12.45 1.64
CA GLY A 154 0.57 11.50 2.60
C GLY A 154 0.20 10.06 2.37
N PRO A 155 -0.49 9.43 3.34
CA PRO A 155 -0.91 8.03 3.25
C PRO A 155 -1.78 7.73 2.04
N GLY A 156 -2.56 8.73 1.62
CA GLY A 156 -3.40 8.54 0.46
C GLY A 156 -2.54 8.31 -0.76
N ALA A 157 -1.41 9.01 -0.81
CA ALA A 157 -0.49 8.90 -1.94
C ALA A 157 0.36 7.64 -1.86
N THR A 158 0.97 7.39 -0.71
CA THR A 158 1.81 6.22 -0.57
C THR A 158 1.00 4.94 -0.78
N ASN A 159 -0.30 5.01 -0.52
CA ASN A 159 -1.14 3.84 -0.69
C ASN A 159 -1.36 3.43 -2.14
N VAL A 160 -1.05 4.31 -3.09
CA VAL A 160 -1.22 3.97 -4.51
C VAL A 160 0.11 3.69 -5.21
N VAL A 161 1.18 3.51 -4.44
CA VAL A 161 2.49 3.23 -5.02
C VAL A 161 2.49 1.87 -5.70
N THR A 162 1.95 0.86 -5.03
CA THR A 162 1.89 -0.48 -5.61
C THR A 162 1.12 -0.48 -6.92
N PRO A 163 -0.07 0.15 -6.97
CA PRO A 163 -0.81 0.15 -8.23
C PRO A 163 -0.03 0.84 -9.33
N MET A 164 0.68 1.91 -8.98
CA MET A 164 1.46 2.64 -9.98
C MET A 164 2.62 1.76 -10.47
N ALA A 165 3.32 1.13 -9.54
CA ALA A 165 4.43 0.26 -9.89
C ALA A 165 3.91 -0.85 -10.79
N ASP A 166 2.70 -1.30 -10.50
CA ASP A 166 2.06 -2.37 -11.26
C ASP A 166 1.72 -1.90 -12.66
N ALA A 167 1.08 -0.74 -12.76
CA ALA A 167 0.71 -0.17 -14.04
C ALA A 167 1.96 0.16 -14.84
N PHE A 168 3.05 0.42 -14.13
CA PHE A 168 4.30 0.75 -14.79
C PHE A 168 4.92 -0.49 -15.43
N ALA A 169 4.84 -1.61 -14.72
CA ALA A 169 5.40 -2.87 -15.22
C ALA A 169 4.62 -3.41 -16.42
N ASP A 170 3.29 -3.35 -16.35
CA ASP A 170 2.48 -3.88 -17.44
C ASP A 170 2.08 -2.83 -18.49
N GLY A 171 2.69 -1.65 -18.41
CA GLY A 171 2.39 -0.60 -19.37
C GLY A 171 0.92 -0.22 -19.48
N ILE A 172 0.31 0.12 -18.34
CA ILE A 172 -1.09 0.50 -18.33
C ILE A 172 -1.23 2.02 -18.17
N PRO A 173 -2.05 2.66 -19.03
CA PRO A 173 -2.29 4.11 -18.99
C PRO A 173 -3.06 4.50 -17.74
N MET A 174 -2.43 5.32 -16.91
CA MET A 174 -3.06 5.73 -15.67
C MET A 174 -2.56 7.11 -15.26
N VAL A 175 -3.48 8.01 -14.95
CA VAL A 175 -3.12 9.35 -14.50
C VAL A 175 -3.52 9.44 -13.01
N VAL A 176 -2.52 9.52 -12.14
CA VAL A 176 -2.77 9.60 -10.71
C VAL A 176 -2.61 11.01 -10.17
N PHE A 177 -3.68 11.55 -9.61
CA PHE A 177 -3.65 12.88 -9.02
C PHE A 177 -3.61 12.73 -7.51
N THR A 178 -2.56 13.25 -6.89
CA THR A 178 -2.43 13.16 -5.44
C THR A 178 -2.44 14.55 -4.82
N GLY A 179 -3.28 14.75 -3.81
CA GLY A 179 -3.32 16.02 -3.13
C GLY A 179 -2.01 16.20 -2.39
N GLN A 180 -1.61 17.43 -2.17
CA GLN A 180 -0.36 17.74 -1.48
C GLN A 180 -0.60 18.89 -0.53
N VAL A 181 0.22 19.01 0.50
CA VAL A 181 0.07 20.10 1.45
C VAL A 181 0.35 21.40 0.70
N PRO A 182 -0.05 22.55 1.27
CA PRO A 182 0.18 23.84 0.62
C PRO A 182 1.65 24.03 0.32
N THR A 183 1.95 24.61 -0.85
CA THR A 183 3.33 24.84 -1.24
C THR A 183 4.11 25.51 -0.12
N SER A 184 3.45 26.38 0.62
CA SER A 184 4.08 27.09 1.72
C SER A 184 4.44 26.19 2.91
N ALA A 185 3.94 24.95 2.91
CA ALA A 185 4.23 24.04 4.01
C ALA A 185 5.12 22.89 3.55
N ILE A 186 5.31 22.79 2.24
CA ILE A 186 6.13 21.73 1.70
C ILE A 186 7.56 21.84 2.21
N GLY A 187 8.11 20.72 2.67
CA GLY A 187 9.47 20.71 3.17
C GLY A 187 9.59 21.06 4.64
N THR A 188 8.46 21.15 5.33
CA THR A 188 8.50 21.50 6.74
C THR A 188 8.07 20.31 7.59
N ASP A 189 8.09 19.12 6.99
CA ASP A 189 7.66 17.91 7.69
C ASP A 189 6.23 18.17 8.14
N ALA A 190 5.45 18.77 7.25
CA ALA A 190 4.06 19.11 7.51
C ALA A 190 3.15 17.90 7.68
N PHE A 191 1.97 18.16 8.23
CA PHE A 191 0.98 17.12 8.46
C PHE A 191 0.57 16.46 7.15
N GLN A 192 0.69 15.13 7.12
CA GLN A 192 0.35 14.33 5.95
C GLN A 192 1.11 14.72 4.70
N GLU A 193 2.38 15.10 4.87
CA GLU A 193 3.23 15.47 3.74
C GLU A 193 4.20 14.35 3.39
N ALA A 194 4.36 14.10 2.10
CA ALA A 194 5.28 13.06 1.63
C ALA A 194 5.89 13.50 0.32
N ASP A 195 7.14 13.09 0.06
CA ASP A 195 7.78 13.46 -1.18
C ASP A 195 7.26 12.49 -2.23
N VAL A 196 6.02 12.72 -2.64
CA VAL A 196 5.35 11.86 -3.61
C VAL A 196 6.07 11.83 -4.95
N VAL A 197 6.51 12.99 -5.42
CA VAL A 197 7.21 13.06 -6.69
C VAL A 197 8.49 12.24 -6.61
N GLY A 198 9.13 12.24 -5.44
CA GLY A 198 10.35 11.46 -5.25
C GLY A 198 10.06 9.96 -5.18
N ILE A 199 9.10 9.59 -4.35
CA ILE A 199 8.73 8.20 -4.17
C ILE A 199 8.32 7.54 -5.48
N SER A 200 7.47 8.20 -6.25
CA SER A 200 6.96 7.66 -7.51
C SER A 200 7.84 7.86 -8.75
N ARG A 201 8.98 8.53 -8.60
CA ARG A 201 9.85 8.78 -9.74
C ARG A 201 10.18 7.53 -10.56
N SER A 202 10.53 6.44 -9.90
CA SER A 202 10.90 5.21 -10.60
C SER A 202 9.74 4.33 -11.04
N CYS A 203 8.53 4.67 -10.64
CA CYS A 203 7.39 3.84 -11.05
C CYS A 203 6.32 4.63 -11.79
N THR A 204 6.76 5.61 -12.57
CA THR A 204 5.87 6.43 -13.38
C THR A 204 6.66 6.86 -14.61
N LYS A 205 5.98 6.98 -15.74
CA LYS A 205 6.64 7.41 -16.96
C LYS A 205 7.08 8.86 -16.76
N TRP A 206 6.32 9.59 -15.97
CA TRP A 206 6.57 11.00 -15.72
C TRP A 206 5.70 11.45 -14.56
N ASN A 207 6.18 12.45 -13.83
CA ASN A 207 5.40 13.01 -12.74
C ASN A 207 5.79 14.48 -12.59
N VAL A 208 4.98 15.22 -11.84
CA VAL A 208 5.22 16.64 -11.66
C VAL A 208 4.37 17.17 -10.53
N MET A 209 4.80 18.28 -9.94
CA MET A 209 4.05 18.94 -8.89
C MET A 209 3.63 20.27 -9.47
N VAL A 210 2.33 20.50 -9.55
CA VAL A 210 1.83 21.75 -10.11
C VAL A 210 2.19 22.90 -9.16
N LYS A 211 2.97 23.85 -9.65
CA LYS A 211 3.41 24.99 -8.86
C LYS A 211 2.37 26.10 -8.71
N SER A 212 1.54 26.29 -9.74
CA SER A 212 0.52 27.32 -9.69
C SER A 212 -0.70 26.91 -10.50
N VAL A 213 -1.82 27.56 -10.23
CA VAL A 213 -3.06 27.23 -10.92
C VAL A 213 -2.97 27.56 -12.41
N GLU A 214 -2.16 28.55 -12.78
CA GLU A 214 -1.99 28.93 -14.18
C GLU A 214 -1.42 27.74 -14.95
N GLU A 215 -0.61 26.98 -14.25
CA GLU A 215 0.10 25.81 -14.77
C GLU A 215 -0.74 24.53 -14.77
N LEU A 216 -1.86 24.55 -14.07
CA LEU A 216 -2.71 23.37 -13.97
C LEU A 216 -3.18 22.75 -15.29
N PRO A 217 -3.88 23.52 -16.14
CA PRO A 217 -4.36 22.94 -17.41
C PRO A 217 -3.23 22.25 -18.17
N LEU A 218 -2.10 22.94 -18.29
CA LEU A 218 -0.94 22.41 -19.00
C LEU A 218 -0.55 21.04 -18.47
N ARG A 219 -0.18 20.99 -17.19
CA ARG A 219 0.23 19.74 -16.57
C ARG A 219 -0.76 18.60 -16.75
N ILE A 220 -2.05 18.90 -16.61
CA ILE A 220 -3.05 17.88 -16.79
C ILE A 220 -2.98 17.32 -18.20
N ASN A 221 -2.86 18.20 -19.20
CA ASN A 221 -2.79 17.76 -20.58
C ASN A 221 -1.52 16.96 -20.88
N GLU A 222 -0.40 17.37 -20.30
CA GLU A 222 0.85 16.67 -20.51
C GLU A 222 0.74 15.27 -19.92
N ALA A 223 0.15 15.20 -18.73
CA ALA A 223 -0.02 13.92 -18.04
C ALA A 223 -0.78 12.92 -18.91
N PHE A 224 -1.97 13.29 -19.35
CA PHE A 224 -2.77 12.39 -20.19
C PHE A 224 -2.06 11.99 -21.47
N GLU A 225 -1.34 12.93 -22.09
CA GLU A 225 -0.63 12.62 -23.33
C GLU A 225 0.50 11.62 -23.10
N ILE A 226 1.30 11.85 -22.06
CA ILE A 226 2.40 10.96 -21.76
C ILE A 226 1.91 9.58 -21.34
N ALA A 227 0.83 9.54 -20.56
CA ALA A 227 0.28 8.28 -20.09
C ALA A 227 -0.25 7.40 -21.22
N THR A 228 -0.79 8.02 -22.25
CA THR A 228 -1.36 7.28 -23.36
C THR A 228 -0.55 7.15 -24.64
N SER A 229 0.67 7.66 -24.66
CA SER A 229 1.50 7.56 -25.87
C SER A 229 2.68 6.61 -25.67
N GLY A 230 3.34 6.26 -26.78
CA GLY A 230 4.47 5.34 -26.73
C GLY A 230 3.99 4.06 -26.09
N ARG A 231 4.69 3.62 -25.05
CA ARG A 231 4.21 2.44 -24.34
C ARG A 231 3.39 3.07 -23.23
N PRO A 232 2.09 2.78 -23.19
CA PRO A 232 1.26 3.37 -22.14
C PRO A 232 1.88 3.13 -20.75
N GLY A 233 1.51 3.96 -19.79
CA GLY A 233 2.04 3.83 -18.45
C GLY A 233 1.41 4.82 -17.50
N PRO A 234 1.73 4.75 -16.22
CA PRO A 234 1.18 5.66 -15.21
C PRO A 234 1.99 6.95 -15.05
N VAL A 235 1.30 8.03 -14.73
CA VAL A 235 1.91 9.34 -14.49
C VAL A 235 1.27 9.89 -13.23
N LEU A 236 1.99 10.72 -12.51
CA LEU A 236 1.45 11.29 -11.28
C LEU A 236 1.54 12.81 -11.29
N VAL A 237 0.43 13.46 -10.94
CA VAL A 237 0.37 14.91 -10.88
C VAL A 237 0.11 15.28 -9.41
N ASP A 238 1.09 15.92 -8.78
CA ASP A 238 0.99 16.33 -7.39
C ASP A 238 0.25 17.68 -7.32
N LEU A 239 -0.85 17.72 -6.57
CA LEU A 239 -1.66 18.93 -6.46
C LEU A 239 -1.68 19.60 -5.09
N PRO A 240 -0.87 20.66 -4.91
CA PRO A 240 -0.81 21.39 -3.63
C PRO A 240 -2.15 22.03 -3.31
N LYS A 241 -2.61 21.86 -2.08
CA LYS A 241 -3.90 22.42 -1.66
C LYS A 241 -4.10 23.89 -2.01
N ASP A 242 -3.07 24.70 -1.78
CA ASP A 242 -3.17 26.11 -2.09
C ASP A 242 -3.31 26.36 -3.58
N VAL A 243 -2.82 25.43 -4.39
CA VAL A 243 -2.93 25.58 -5.85
C VAL A 243 -4.32 25.23 -6.34
N THR A 244 -4.91 24.18 -5.79
CA THR A 244 -6.24 23.75 -6.21
C THR A 244 -7.33 24.64 -5.61
N ALA A 245 -7.01 25.32 -4.52
CA ALA A 245 -7.98 26.21 -3.88
C ALA A 245 -7.88 27.61 -4.49
N ALA A 246 -6.72 27.93 -5.04
CA ALA A 246 -6.47 29.23 -5.64
C ALA A 246 -7.41 29.54 -6.82
N ILE A 247 -7.64 30.83 -7.06
CA ILE A 247 -8.48 31.25 -8.16
C ILE A 247 -7.59 31.79 -9.27
N LEU A 248 -7.87 31.39 -10.51
CA LEU A 248 -7.08 31.84 -11.65
C LEU A 248 -7.31 33.32 -11.88
N ARG A 249 -6.27 34.12 -11.66
CA ARG A 249 -6.36 35.57 -11.84
C ARG A 249 -5.66 36.04 -13.10
N ASN A 250 -5.07 35.11 -13.86
CA ASN A 250 -4.37 35.47 -15.08
C ASN A 250 -4.78 34.64 -16.28
N PRO A 251 -4.76 35.27 -17.47
CA PRO A 251 -5.12 34.53 -18.68
C PRO A 251 -3.93 33.61 -18.94
N ILE A 252 -4.18 32.42 -19.48
CA ILE A 252 -3.11 31.47 -19.76
C ILE A 252 -3.16 31.08 -21.23
N PRO A 253 -2.01 30.68 -21.79
CA PRO A 253 -1.88 30.27 -23.20
C PRO A 253 -2.98 29.30 -23.64
N THR A 254 -3.62 29.62 -24.77
CA THR A 254 -4.69 28.78 -25.30
C THR A 254 -4.23 27.35 -25.52
N LYS A 255 -2.98 27.20 -25.92
CA LYS A 255 -2.41 25.87 -26.18
C LYS A 255 -2.56 25.00 -24.93
N THR A 256 -1.96 25.46 -23.84
CA THR A 256 -1.97 24.75 -22.57
C THR A 256 -3.35 24.34 -22.05
N THR A 257 -4.43 24.74 -22.70
CA THR A 257 -5.76 24.37 -22.23
C THR A 257 -6.50 23.48 -23.22
N LEU A 258 -5.76 22.96 -24.20
CA LEU A 258 -6.35 22.08 -25.21
C LEU A 258 -5.59 20.76 -25.27
N PRO A 259 -6.32 19.64 -25.24
CA PRO A 259 -5.78 18.28 -25.29
C PRO A 259 -4.73 18.04 -26.37
N SER A 260 -4.08 16.88 -26.31
CA SER A 260 -3.04 16.51 -27.26
C SER A 260 -1.83 17.43 -27.14
N THR A 267 5.46 13.15 -38.20
CA THR A 267 6.61 12.26 -38.39
C THR A 267 7.58 12.81 -39.43
N SER A 268 8.87 12.62 -39.17
CA SER A 268 9.90 13.09 -40.09
C SER A 268 9.86 12.27 -41.37
N ARG A 269 10.06 12.93 -42.51
CA ARG A 269 10.04 12.24 -43.79
C ARG A 269 11.18 11.24 -43.89
N ALA A 270 12.32 11.58 -43.30
CA ALA A 270 13.48 10.70 -43.30
C ALA A 270 13.22 9.51 -42.37
N GLN A 271 12.49 9.78 -41.27
CA GLN A 271 12.15 8.75 -40.29
C GLN A 271 11.19 7.72 -40.89
N ASP A 272 10.06 8.18 -41.41
CA ASP A 272 9.09 7.29 -42.02
C ASP A 272 9.78 6.55 -43.16
N GLU A 273 10.79 7.18 -43.72
CA GLU A 273 11.58 6.62 -44.80
C GLU A 273 12.40 5.47 -44.19
N PHE A 274 12.92 5.70 -42.98
CA PHE A 274 13.71 4.70 -42.28
C PHE A 274 12.83 3.53 -41.82
N VAL A 275 11.63 3.83 -41.35
CA VAL A 275 10.73 2.78 -40.89
C VAL A 275 10.27 1.94 -42.07
N MET A 276 9.98 2.57 -43.20
CA MET A 276 9.55 1.81 -44.37
C MET A 276 10.70 0.87 -44.75
N GLN A 277 11.93 1.36 -44.58
CA GLN A 277 13.11 0.56 -44.89
C GLN A 277 13.13 -0.67 -43.99
N SER A 278 12.84 -0.45 -42.70
CA SER A 278 12.80 -1.56 -41.73
C SER A 278 11.75 -2.56 -42.15
N ILE A 279 10.56 -2.05 -42.48
CA ILE A 279 9.46 -2.90 -42.91
C ILE A 279 9.84 -3.77 -44.10
N ASN A 280 10.51 -3.18 -45.08
CA ASN A 280 10.92 -3.92 -46.26
C ASN A 280 11.89 -5.04 -45.90
N LYS A 281 12.84 -4.74 -45.03
CA LYS A 281 13.81 -5.73 -44.59
C LYS A 281 13.11 -6.86 -43.85
N ALA A 282 12.15 -6.50 -43.00
CA ALA A 282 11.43 -7.50 -42.25
C ALA A 282 10.62 -8.38 -43.19
N ALA A 283 10.00 -7.77 -44.19
CA ALA A 283 9.22 -8.54 -45.15
C ALA A 283 10.16 -9.52 -45.88
N ASP A 284 11.36 -9.03 -46.23
CA ASP A 284 12.32 -9.86 -46.92
C ASP A 284 12.65 -11.11 -46.11
N LEU A 285 12.88 -10.93 -44.81
CA LEU A 285 13.19 -12.06 -43.93
C LEU A 285 12.01 -13.02 -43.81
N ILE A 286 10.82 -12.46 -43.62
CA ILE A 286 9.63 -13.28 -43.49
C ILE A 286 9.40 -14.12 -44.76
N ASN A 287 9.58 -13.50 -45.92
CA ASN A 287 9.40 -14.20 -47.19
C ASN A 287 10.45 -15.26 -47.41
N LEU A 288 11.48 -15.25 -46.59
CA LEU A 288 12.56 -16.20 -46.70
C LEU A 288 12.48 -17.33 -45.67
N ALA A 289 11.72 -17.10 -44.60
CA ALA A 289 11.58 -18.08 -43.53
C ALA A 289 10.91 -19.39 -43.91
N LYS A 290 11.35 -20.49 -43.27
CA LYS A 290 10.79 -21.81 -43.52
C LYS A 290 10.03 -22.36 -42.31
N LYS A 291 10.40 -21.89 -41.12
CA LYS A 291 9.76 -22.30 -39.87
C LYS A 291 9.54 -21.07 -39.00
N PRO A 292 8.70 -20.13 -39.47
CA PRO A 292 8.40 -18.89 -38.75
C PRO A 292 7.44 -19.09 -37.58
N VAL A 293 7.56 -18.19 -36.60
CA VAL A 293 6.70 -18.19 -35.43
C VAL A 293 6.42 -16.75 -35.04
N LEU A 294 5.16 -16.46 -34.72
CA LEU A 294 4.78 -15.13 -34.29
C LEU A 294 4.74 -15.15 -32.77
N TYR A 295 5.55 -14.30 -32.16
CA TYR A 295 5.61 -14.21 -30.71
C TYR A 295 4.91 -12.89 -30.37
N VAL A 296 3.61 -13.00 -30.10
CA VAL A 296 2.74 -11.85 -29.83
C VAL A 296 2.52 -11.47 -28.38
N GLY A 297 2.62 -10.17 -28.10
CA GLY A 297 2.43 -9.66 -26.75
C GLY A 297 1.37 -8.59 -26.61
N ALA A 298 1.38 -7.92 -25.46
CA ALA A 298 0.41 -6.87 -25.12
C ALA A 298 0.29 -5.73 -26.13
N GLY A 299 1.40 -5.40 -26.79
CA GLY A 299 1.40 -4.32 -27.74
C GLY A 299 0.42 -4.45 -28.88
N ILE A 300 0.05 -5.68 -29.26
CA ILE A 300 -0.89 -5.86 -30.35
C ILE A 300 -2.29 -5.44 -29.92
N LEU A 301 -2.50 -5.40 -28.62
CA LEU A 301 -3.80 -5.03 -28.08
C LEU A 301 -3.95 -3.55 -27.80
N ASN A 302 -2.95 -2.76 -28.18
CA ASN A 302 -3.00 -1.31 -27.95
C ASN A 302 -3.54 -0.58 -29.16
N HIS A 303 -4.10 -1.35 -30.08
CA HIS A 303 -4.69 -0.79 -31.29
C HIS A 303 -5.88 -1.66 -31.61
N ALA A 304 -7.00 -1.02 -31.90
CA ALA A 304 -8.23 -1.72 -32.20
C ALA A 304 -8.11 -2.76 -33.31
N ASP A 305 -7.30 -2.48 -34.33
CA ASP A 305 -7.14 -3.42 -35.43
C ASP A 305 -6.02 -4.42 -35.23
N GLY A 306 -5.36 -4.35 -34.09
CA GLY A 306 -4.26 -5.24 -33.80
C GLY A 306 -4.54 -6.71 -34.08
N PRO A 307 -5.58 -7.27 -33.47
CA PRO A 307 -5.90 -8.69 -33.70
C PRO A 307 -6.21 -8.98 -35.16
N ARG A 308 -6.98 -8.09 -35.78
CA ARG A 308 -7.38 -8.23 -37.18
C ARG A 308 -6.18 -8.39 -38.10
N LEU A 309 -5.19 -7.50 -37.95
CA LEU A 309 -4.01 -7.54 -38.78
C LEU A 309 -3.13 -8.74 -38.45
N LEU A 310 -3.00 -9.04 -37.16
CA LEU A 310 -2.20 -10.19 -36.74
C LEU A 310 -2.73 -11.43 -37.44
N LYS A 311 -4.04 -11.60 -37.43
CA LYS A 311 -4.62 -12.76 -38.08
C LYS A 311 -4.33 -12.73 -39.57
N GLU A 312 -4.52 -11.57 -40.18
CA GLU A 312 -4.27 -11.47 -41.61
C GLU A 312 -2.83 -11.89 -41.94
N LEU A 313 -1.86 -11.41 -41.17
CA LEU A 313 -0.47 -11.78 -41.41
C LEU A 313 -0.32 -13.29 -41.26
N SER A 314 -0.88 -13.81 -40.17
CA SER A 314 -0.81 -15.23 -39.89
C SER A 314 -1.38 -16.06 -41.03
N ASP A 315 -2.59 -15.71 -41.47
CA ASP A 315 -3.24 -16.44 -42.56
C ASP A 315 -2.47 -16.29 -43.86
N ARG A 316 -2.04 -15.07 -44.17
CA ARG A 316 -1.31 -14.81 -45.41
C ARG A 316 -0.02 -15.61 -45.54
N ALA A 317 0.82 -15.60 -44.50
CA ALA A 317 2.09 -16.30 -44.55
C ALA A 317 2.10 -17.66 -43.86
N GLN A 318 0.94 -18.11 -43.41
CA GLN A 318 0.86 -19.41 -42.74
C GLN A 318 1.82 -19.48 -41.58
N ILE A 319 1.71 -18.54 -40.66
CA ILE A 319 2.61 -18.52 -39.52
C ILE A 319 1.90 -18.80 -38.20
N PRO A 320 2.34 -19.84 -37.48
CA PRO A 320 1.74 -20.20 -36.19
C PRO A 320 1.98 -19.07 -35.17
N VAL A 321 0.99 -18.85 -34.31
CA VAL A 321 1.05 -17.79 -33.32
C VAL A 321 1.08 -18.26 -31.87
N THR A 322 1.94 -17.64 -31.08
CA THR A 322 2.02 -17.94 -29.65
C THR A 322 1.94 -16.58 -28.97
N THR A 323 1.31 -16.50 -27.82
CA THR A 323 1.22 -15.22 -27.11
C THR A 323 1.76 -15.34 -25.69
N THR A 324 2.07 -14.18 -25.12
CA THR A 324 2.55 -14.11 -23.74
C THR A 324 1.30 -14.09 -22.88
N LEU A 325 1.48 -14.00 -21.57
CA LEU A 325 0.36 -13.95 -20.66
C LEU A 325 -0.48 -12.71 -21.00
N GLN A 326 0.20 -11.59 -21.22
CA GLN A 326 -0.46 -10.33 -21.55
C GLN A 326 -0.92 -10.22 -22.99
N GLY A 327 -0.72 -11.29 -23.76
CA GLY A 327 -1.14 -11.30 -25.15
C GLY A 327 -2.37 -12.15 -25.40
N LEU A 328 -2.78 -12.93 -24.40
CA LEU A 328 -3.95 -13.80 -24.53
C LEU A 328 -5.20 -12.98 -24.87
N GLY A 329 -5.93 -13.44 -25.88
CA GLY A 329 -7.12 -12.75 -26.32
C GLY A 329 -6.90 -12.11 -27.68
N SER A 330 -5.65 -11.76 -27.96
CA SER A 330 -5.32 -11.14 -29.23
C SER A 330 -5.45 -12.11 -30.39
N PHE A 331 -5.22 -13.39 -30.12
CA PHE A 331 -5.33 -14.40 -31.16
C PHE A 331 -6.39 -15.42 -30.80
N ASP A 332 -7.14 -15.88 -31.80
CA ASP A 332 -8.19 -16.87 -31.57
C ASP A 332 -7.58 -18.25 -31.34
N GLN A 333 -7.66 -18.76 -30.12
CA GLN A 333 -7.10 -20.06 -29.81
C GLN A 333 -7.85 -21.21 -30.46
N GLU A 334 -8.94 -20.91 -31.16
CA GLU A 334 -9.71 -21.92 -31.87
C GLU A 334 -9.09 -22.13 -33.25
N ASP A 335 -8.31 -21.14 -33.70
CA ASP A 335 -7.65 -21.20 -35.00
C ASP A 335 -6.58 -22.28 -34.92
N PRO A 336 -6.48 -23.13 -35.95
CA PRO A 336 -5.50 -24.22 -36.01
C PRO A 336 -4.07 -23.74 -35.82
N LYS A 337 -3.79 -22.52 -36.27
CA LYS A 337 -2.45 -21.96 -36.17
C LYS A 337 -2.08 -21.43 -34.79
N SER A 338 -2.94 -21.62 -33.80
CA SER A 338 -2.66 -21.18 -32.44
C SER A 338 -1.74 -22.13 -31.71
N LEU A 339 -0.66 -21.60 -31.15
CA LEU A 339 0.29 -22.44 -30.40
C LEU A 339 0.04 -22.29 -28.91
N ASP A 340 -0.84 -21.36 -28.54
CA ASP A 340 -1.18 -21.08 -27.14
C ASP A 340 -0.06 -20.25 -26.51
N MET A 341 -0.12 -20.11 -25.18
CA MET A 341 0.87 -19.33 -24.45
C MET A 341 2.25 -19.99 -24.38
N LEU A 342 3.29 -19.16 -24.39
CA LEU A 342 4.66 -19.68 -24.30
C LEU A 342 5.23 -19.20 -22.97
N GLY A 343 6.47 -19.59 -22.70
CA GLY A 343 7.10 -19.15 -21.46
C GLY A 343 7.19 -20.16 -20.34
N MET A 344 7.63 -19.67 -19.18
CA MET A 344 7.80 -20.48 -17.99
C MET A 344 6.77 -21.59 -17.79
N HIS A 345 5.49 -21.24 -17.84
CA HIS A 345 4.43 -22.22 -17.67
C HIS A 345 3.63 -22.30 -18.96
N GLY A 346 4.31 -22.05 -20.06
CA GLY A 346 3.65 -22.10 -21.34
C GLY A 346 3.50 -23.51 -21.86
N CYS A 347 2.72 -23.60 -22.93
CA CYS A 347 2.44 -24.84 -23.63
C CYS A 347 3.73 -25.37 -24.26
N ALA A 348 4.05 -26.64 -23.99
CA ALA A 348 5.27 -27.22 -24.54
C ALA A 348 5.39 -26.98 -26.05
N THR A 349 4.29 -27.10 -26.78
CA THR A 349 4.29 -26.90 -28.23
C THR A 349 4.79 -25.51 -28.60
N ALA A 350 4.29 -24.51 -27.88
CA ALA A 350 4.69 -23.13 -28.12
C ALA A 350 6.18 -22.97 -27.86
N ASN A 351 6.65 -23.44 -26.70
CA ASN A 351 8.05 -23.33 -26.36
C ASN A 351 8.91 -24.08 -27.40
N LEU A 352 8.50 -25.30 -27.73
CA LEU A 352 9.25 -26.08 -28.71
C LEU A 352 9.30 -25.36 -30.06
N ALA A 353 8.17 -24.81 -30.48
CA ALA A 353 8.10 -24.09 -31.75
C ALA A 353 9.09 -22.92 -31.74
N VAL A 354 9.17 -22.23 -30.62
CA VAL A 354 10.07 -21.09 -30.48
C VAL A 354 11.53 -21.48 -30.48
N GLN A 355 11.85 -22.62 -29.89
CA GLN A 355 13.24 -23.07 -29.83
C GLN A 355 13.70 -23.66 -31.16
N ASN A 356 12.75 -24.06 -32.00
CA ASN A 356 13.09 -24.67 -33.30
C ASN A 356 12.87 -23.78 -34.52
N ALA A 357 12.21 -22.64 -34.33
CA ALA A 357 11.95 -21.72 -35.42
C ALA A 357 13.22 -21.05 -35.96
N ASP A 358 13.23 -20.75 -37.26
CA ASP A 358 14.38 -20.11 -37.89
C ASP A 358 14.17 -18.60 -37.91
N LEU A 359 12.93 -18.18 -37.69
CA LEU A 359 12.58 -16.77 -37.65
C LEU A 359 11.52 -16.50 -36.59
N ILE A 360 11.83 -15.59 -35.67
CA ILE A 360 10.90 -15.22 -34.62
C ILE A 360 10.45 -13.79 -34.87
N ILE A 361 9.15 -13.62 -35.10
CA ILE A 361 8.60 -12.31 -35.37
C ILE A 361 7.93 -11.85 -34.08
N ALA A 362 8.67 -11.07 -33.29
CA ALA A 362 8.14 -10.55 -32.03
C ALA A 362 7.26 -9.30 -32.26
N VAL A 363 5.99 -9.40 -31.87
CA VAL A 363 5.04 -8.30 -32.04
C VAL A 363 4.46 -7.81 -30.72
N GLY A 364 4.89 -6.62 -30.29
CA GLY A 364 4.39 -6.05 -29.06
C GLY A 364 4.66 -6.85 -27.81
N ALA A 365 5.83 -7.50 -27.75
CA ALA A 365 6.23 -8.30 -26.60
C ALA A 365 7.64 -7.84 -26.17
N ARG A 366 7.94 -7.90 -24.88
CA ARG A 366 9.26 -7.42 -24.42
C ARG A 366 10.31 -8.43 -23.99
N PHE A 367 10.16 -9.69 -24.38
CA PHE A 367 11.13 -10.73 -24.02
C PHE A 367 11.47 -10.77 -22.52
N ASP A 368 10.47 -10.69 -21.65
CA ASP A 368 10.75 -10.72 -20.21
C ASP A 368 11.28 -12.08 -19.75
N ASP A 369 11.83 -12.13 -18.55
CA ASP A 369 12.41 -13.36 -18.02
C ASP A 369 11.43 -14.48 -17.67
N ARG A 370 10.13 -14.20 -17.72
CA ARG A 370 9.16 -15.26 -17.44
C ARG A 370 8.80 -15.90 -18.77
N VAL A 371 9.37 -15.39 -19.85
CA VAL A 371 9.08 -15.91 -21.18
C VAL A 371 10.25 -16.59 -21.87
N THR A 372 11.42 -15.97 -21.77
CA THR A 372 12.60 -16.48 -22.44
C THR A 372 13.29 -17.71 -21.88
N GLY A 373 13.07 -18.03 -20.61
CA GLY A 373 13.77 -19.17 -20.03
C GLY A 373 15.22 -18.74 -19.98
N ASN A 374 16.16 -19.69 -19.90
CA ASN A 374 17.58 -19.32 -19.87
C ASN A 374 17.87 -18.59 -21.18
N ILE A 375 18.21 -17.31 -21.08
CA ILE A 375 18.46 -16.50 -22.26
C ILE A 375 19.56 -17.02 -23.19
N SER A 376 20.59 -17.63 -22.64
CA SER A 376 21.65 -18.13 -23.51
C SER A 376 21.19 -19.33 -24.32
N LYS A 377 20.03 -19.87 -23.97
CA LYS A 377 19.48 -21.04 -24.65
C LYS A 377 18.25 -20.69 -25.49
N PHE A 378 17.81 -19.43 -25.40
CA PHE A 378 16.66 -18.94 -26.12
C PHE A 378 16.83 -18.98 -27.64
N ALA A 379 15.76 -19.38 -28.32
CA ALA A 379 15.72 -19.47 -29.80
C ALA A 379 17.02 -19.89 -30.47
N PRO A 380 17.53 -21.09 -30.13
CA PRO A 380 18.79 -21.54 -30.76
C PRO A 380 18.73 -21.60 -32.28
N GLU A 381 17.63 -22.11 -32.82
CA GLU A 381 17.48 -22.22 -34.27
C GLU A 381 17.41 -20.86 -34.95
N ALA A 382 16.81 -19.88 -34.29
CA ALA A 382 16.70 -18.55 -34.85
C ALA A 382 18.04 -17.84 -34.84
N ARG A 383 18.86 -18.12 -33.85
CA ARG A 383 20.18 -17.49 -33.79
C ARG A 383 21.09 -18.10 -34.83
N ARG A 384 20.93 -19.39 -35.06
CA ARG A 384 21.72 -20.08 -36.05
C ARG A 384 21.35 -19.54 -37.44
N ALA A 385 20.05 -19.37 -37.67
CA ALA A 385 19.55 -18.84 -38.93
C ALA A 385 20.10 -17.43 -39.16
N ALA A 386 20.23 -16.67 -38.08
CA ALA A 386 20.75 -15.33 -38.16
C ALA A 386 22.22 -15.39 -38.59
N ALA A 387 22.99 -16.24 -37.91
CA ALA A 387 24.40 -16.41 -38.21
C ALA A 387 24.59 -16.79 -39.68
N GLU A 388 23.63 -17.51 -40.24
CA GLU A 388 23.71 -17.91 -41.63
C GLU A 388 22.97 -16.93 -42.53
N GLY A 389 22.53 -15.81 -41.94
CA GLY A 389 21.83 -14.77 -42.68
C GLY A 389 20.52 -15.15 -43.36
N ARG A 390 19.84 -16.17 -42.84
CA ARG A 390 18.59 -16.60 -43.42
C ARG A 390 17.43 -16.50 -42.44
N GLY A 391 17.61 -15.77 -41.35
CA GLY A 391 16.56 -15.63 -40.38
C GLY A 391 17.01 -14.86 -39.15
N GLY A 392 16.45 -15.21 -37.99
CA GLY A 392 16.82 -14.51 -36.77
C GLY A 392 15.60 -14.03 -36.00
N ILE A 393 15.62 -12.76 -35.61
CA ILE A 393 14.51 -12.17 -34.85
C ILE A 393 14.11 -10.78 -35.33
N ILE A 394 12.83 -10.62 -35.66
CA ILE A 394 12.28 -9.33 -36.08
C ILE A 394 11.48 -8.82 -34.88
N HIS A 395 11.62 -7.54 -34.56
CA HIS A 395 10.94 -6.99 -33.41
C HIS A 395 10.14 -5.72 -33.69
N PHE A 396 8.82 -5.80 -33.54
CA PHE A 396 7.95 -4.64 -33.73
C PHE A 396 7.74 -4.06 -32.33
N GLU A 397 8.59 -3.10 -31.98
CA GLU A 397 8.57 -2.47 -30.67
C GLU A 397 8.28 -0.95 -30.79
N VAL A 398 7.49 -0.43 -29.86
CA VAL A 398 7.13 0.99 -29.88
C VAL A 398 8.07 1.85 -29.04
N SER A 399 8.72 1.24 -28.07
CA SER A 399 9.64 1.96 -27.19
C SER A 399 11.10 1.58 -27.38
N PRO A 400 11.96 2.57 -27.67
CA PRO A 400 13.40 2.39 -27.88
C PRO A 400 14.10 1.74 -26.70
N LYS A 401 13.47 1.84 -25.52
CA LYS A 401 14.01 1.26 -24.30
C LYS A 401 13.98 -0.27 -24.36
N ASN A 402 13.02 -0.83 -25.09
CA ASN A 402 12.93 -2.27 -25.18
C ASN A 402 13.49 -2.87 -26.47
N ILE A 403 14.17 -2.05 -27.25
CA ILE A 403 14.77 -2.55 -28.48
C ILE A 403 16.20 -3.00 -28.17
N ASN A 404 16.50 -4.26 -28.50
CA ASN A 404 17.81 -4.84 -28.26
C ASN A 404 18.21 -4.78 -26.79
N LYS A 405 17.23 -4.89 -25.89
CA LYS A 405 17.52 -4.83 -24.47
C LYS A 405 17.85 -6.19 -23.84
N VAL A 406 17.20 -7.24 -24.33
CA VAL A 406 17.43 -8.57 -23.77
C VAL A 406 18.22 -9.47 -24.70
N VAL A 407 17.85 -9.49 -25.97
CA VAL A 407 18.53 -10.30 -26.95
C VAL A 407 18.75 -9.43 -28.19
N GLN A 408 19.81 -9.71 -28.94
CA GLN A 408 20.08 -8.93 -30.14
C GLN A 408 19.11 -9.35 -31.24
N THR A 409 18.49 -8.38 -31.88
CA THR A 409 17.56 -8.66 -32.96
C THR A 409 18.15 -8.21 -34.30
N GLN A 410 17.74 -8.88 -35.37
CA GLN A 410 18.22 -8.57 -36.71
C GLN A 410 17.57 -7.35 -37.31
N ILE A 411 16.26 -7.20 -37.09
CA ILE A 411 15.53 -6.06 -37.62
C ILE A 411 14.58 -5.57 -36.56
N ALA A 412 14.61 -4.27 -36.28
CA ALA A 412 13.71 -3.69 -35.30
C ALA A 412 12.82 -2.67 -35.99
N VAL A 413 11.52 -2.98 -36.09
CA VAL A 413 10.57 -2.07 -36.73
C VAL A 413 9.95 -1.18 -35.66
N GLU A 414 10.43 0.05 -35.56
CA GLU A 414 9.97 1.01 -34.57
C GLU A 414 8.58 1.56 -34.80
N GLY A 415 7.85 1.78 -33.72
CA GLY A 415 6.52 2.34 -33.84
C GLY A 415 5.39 1.46 -33.35
N ASP A 416 4.18 1.80 -33.78
CA ASP A 416 3.00 1.04 -33.41
C ASP A 416 2.97 -0.24 -34.23
N ALA A 417 2.97 -1.36 -33.54
CA ALA A 417 2.98 -2.67 -34.18
C ALA A 417 1.90 -2.81 -35.25
N THR A 418 0.64 -2.66 -34.85
CA THR A 418 -0.48 -2.78 -35.78
C THR A 418 -0.27 -1.95 -37.04
N THR A 419 0.05 -0.68 -36.83
CA THR A 419 0.26 0.23 -37.94
C THR A 419 1.33 -0.31 -38.88
N ASN A 420 2.44 -0.78 -38.33
CA ASN A 420 3.50 -1.29 -39.17
C ASN A 420 3.18 -2.62 -39.84
N LEU A 421 2.32 -3.41 -39.21
CA LEU A 421 1.94 -4.68 -39.81
C LEU A 421 1.09 -4.36 -41.02
N GLY A 422 0.27 -3.32 -40.91
CA GLY A 422 -0.57 -2.92 -42.02
C GLY A 422 0.24 -2.44 -43.21
N LYS A 423 1.32 -1.72 -42.93
CA LYS A 423 2.15 -1.20 -44.01
C LYS A 423 2.94 -2.32 -44.68
N MET A 424 3.31 -3.31 -43.88
CA MET A 424 4.10 -4.43 -44.37
C MET A 424 3.35 -5.50 -45.14
N MET A 425 2.07 -5.70 -44.83
CA MET A 425 1.31 -6.75 -45.48
C MET A 425 1.51 -6.97 -46.97
N SER A 426 1.27 -5.92 -47.76
CA SER A 426 1.40 -6.01 -49.21
C SER A 426 2.75 -6.52 -49.68
N LYS A 427 3.77 -6.44 -48.83
CA LYS A 427 5.11 -6.88 -49.20
C LYS A 427 5.34 -8.36 -48.85
N ILE A 428 4.37 -8.96 -48.16
CA ILE A 428 4.46 -10.36 -47.74
C ILE A 428 3.92 -11.26 -48.84
N PHE A 429 4.69 -12.28 -49.19
CA PHE A 429 4.27 -13.21 -50.22
C PHE A 429 3.28 -14.19 -49.66
N PRO A 430 2.17 -14.42 -50.37
CA PRO A 430 1.19 -15.38 -49.86
C PRO A 430 1.81 -16.78 -49.86
N VAL A 431 1.62 -17.50 -48.76
CA VAL A 431 2.16 -18.84 -48.63
C VAL A 431 1.06 -19.88 -48.74
N LYS A 432 1.26 -20.84 -49.63
CA LYS A 432 0.30 -21.89 -49.87
C LYS A 432 0.17 -22.79 -48.64
N GLU A 433 1.30 -23.33 -48.18
CA GLU A 433 1.28 -24.19 -47.02
C GLU A 433 2.67 -24.42 -46.43
N ARG A 434 2.72 -24.99 -45.22
CA ARG A 434 3.96 -25.31 -44.53
C ARG A 434 3.78 -26.66 -43.85
N SER A 435 3.47 -27.67 -44.66
CA SER A 435 3.24 -29.04 -44.18
C SER A 435 4.30 -29.55 -43.21
N GLU A 436 5.56 -29.42 -43.59
CA GLU A 436 6.65 -29.85 -42.73
C GLU A 436 6.50 -29.23 -41.35
N TRP A 437 6.60 -27.90 -41.31
CA TRP A 437 6.52 -27.12 -40.09
C TRP A 437 5.25 -27.42 -39.28
N PHE A 438 4.09 -27.40 -39.93
CA PHE A 438 2.85 -27.67 -39.22
C PHE A 438 2.76 -29.10 -38.73
N ALA A 439 3.30 -30.03 -39.50
CA ALA A 439 3.27 -31.43 -39.12
C ALA A 439 4.08 -31.59 -37.84
N GLN A 440 5.26 -30.99 -37.81
CA GLN A 440 6.11 -31.07 -36.63
C GLN A 440 5.37 -30.45 -35.42
N ILE A 441 4.74 -29.31 -35.64
CA ILE A 441 4.00 -28.63 -34.59
C ILE A 441 2.80 -29.47 -34.11
N ASN A 442 2.18 -30.20 -35.04
CA ASN A 442 1.03 -31.01 -34.68
C ASN A 442 1.43 -32.24 -33.88
N LYS A 443 2.63 -32.74 -34.14
CA LYS A 443 3.09 -33.91 -33.40
C LYS A 443 3.30 -33.47 -31.95
N TRP A 444 3.87 -32.29 -31.76
CA TRP A 444 4.11 -31.77 -30.42
C TRP A 444 2.79 -31.53 -29.72
N LYS A 445 1.79 -31.08 -30.47
CA LYS A 445 0.48 -30.83 -29.89
C LYS A 445 -0.13 -32.11 -29.34
N LYS A 446 0.01 -33.21 -30.08
CA LYS A 446 -0.55 -34.47 -29.61
C LYS A 446 0.24 -35.00 -28.42
N GLU A 447 1.55 -34.75 -28.43
CA GLU A 447 2.44 -35.23 -27.37
C GLU A 447 2.41 -34.43 -26.08
N TYR A 448 2.24 -33.10 -26.17
CA TYR A 448 2.27 -32.26 -24.97
C TYR A 448 1.08 -31.39 -24.63
N PRO A 449 -0.07 -31.99 -24.30
CA PRO A 449 -1.20 -31.12 -23.97
C PRO A 449 -1.07 -30.69 -22.50
N TYR A 450 -1.83 -29.69 -22.10
CA TYR A 450 -1.79 -29.23 -20.71
C TYR A 450 -2.37 -30.32 -19.82
N ALA A 451 -1.67 -31.45 -19.70
CA ALA A 451 -2.16 -32.56 -18.89
C ALA A 451 -1.99 -32.32 -17.39
N TYR A 452 -2.82 -33.01 -16.60
CA TYR A 452 -2.76 -32.88 -15.16
C TYR A 452 -3.55 -34.01 -14.50
N MET A 453 -3.41 -34.14 -13.19
CA MET A 453 -4.10 -35.17 -12.42
C MET A 453 -5.57 -34.79 -12.28
N GLU A 454 -6.43 -35.42 -13.06
CA GLU A 454 -7.85 -35.11 -13.01
C GLU A 454 -8.53 -35.70 -11.77
N GLU A 455 -9.78 -35.33 -11.56
CA GLU A 455 -10.51 -35.83 -10.41
C GLU A 455 -10.59 -37.35 -10.40
N THR A 456 -10.60 -37.91 -9.20
CA THR A 456 -10.72 -39.34 -8.98
C THR A 456 -11.80 -39.48 -7.91
N PRO A 457 -12.42 -40.66 -7.80
CA PRO A 457 -13.48 -40.87 -6.80
C PRO A 457 -13.12 -40.45 -5.39
N GLY A 458 -13.91 -39.55 -4.82
CA GLY A 458 -13.68 -39.09 -3.47
C GLY A 458 -12.64 -38.00 -3.27
N SER A 459 -11.83 -37.74 -4.29
CA SER A 459 -10.80 -36.70 -4.19
C SER A 459 -11.40 -35.30 -4.23
N LYS A 460 -10.61 -34.32 -3.84
CA LYS A 460 -11.05 -32.94 -3.88
C LYS A 460 -11.12 -32.51 -5.34
N ILE A 461 -11.81 -31.41 -5.61
CA ILE A 461 -11.92 -30.87 -6.96
C ILE A 461 -10.55 -30.37 -7.44
N LYS A 462 -10.25 -30.59 -8.72
CA LYS A 462 -8.95 -30.14 -9.24
C LYS A 462 -9.06 -28.72 -9.81
N PRO A 463 -8.17 -27.80 -9.39
CA PRO A 463 -8.21 -26.43 -9.89
C PRO A 463 -8.34 -26.28 -11.40
N GLN A 464 -7.52 -27.01 -12.14
CA GLN A 464 -7.54 -26.95 -13.60
C GLN A 464 -8.92 -27.29 -14.15
N THR A 465 -9.55 -28.30 -13.56
CA THR A 465 -10.87 -28.72 -14.00
C THR A 465 -11.89 -27.60 -13.87
N VAL A 466 -11.76 -26.80 -12.80
CA VAL A 466 -12.68 -25.69 -12.58
C VAL A 466 -12.59 -24.68 -13.72
N ILE A 467 -11.37 -24.31 -14.08
CA ILE A 467 -11.14 -23.35 -15.14
C ILE A 467 -11.77 -23.87 -16.44
N LYS A 468 -11.44 -25.10 -16.82
CA LYS A 468 -11.98 -25.69 -18.04
C LYS A 468 -13.50 -25.60 -18.08
N LYS A 469 -14.12 -25.97 -16.97
CA LYS A 469 -15.58 -25.96 -16.87
C LYS A 469 -16.16 -24.56 -16.91
N LEU A 470 -15.63 -23.68 -16.08
CA LEU A 470 -16.12 -22.30 -16.03
C LEU A 470 -15.97 -21.65 -17.39
N SER A 471 -14.87 -21.95 -18.07
CA SER A 471 -14.60 -21.40 -19.39
C SER A 471 -15.78 -21.68 -20.32
N LYS A 472 -16.27 -22.92 -20.27
CA LYS A 472 -17.39 -23.32 -21.12
C LYS A 472 -18.69 -22.67 -20.65
N VAL A 473 -18.98 -22.76 -19.36
CA VAL A 473 -20.20 -22.18 -18.82
C VAL A 473 -20.26 -20.69 -19.15
N ALA A 474 -19.18 -19.97 -18.87
CA ALA A 474 -19.13 -18.55 -19.13
C ALA A 474 -19.34 -18.29 -20.62
N ASN A 475 -18.63 -19.04 -21.45
CA ASN A 475 -18.76 -18.88 -22.89
C ASN A 475 -20.18 -19.17 -23.39
N ASP A 476 -20.79 -20.25 -22.89
CA ASP A 476 -22.13 -20.61 -23.33
C ASP A 476 -23.20 -19.58 -23.00
N THR A 477 -22.86 -18.53 -22.28
CA THR A 477 -23.85 -17.52 -21.94
C THR A 477 -24.01 -16.56 -23.10
N GLY A 478 -23.03 -16.57 -24.00
CA GLY A 478 -23.08 -15.70 -25.16
C GLY A 478 -22.81 -14.24 -24.85
N ARG A 479 -22.48 -13.93 -23.60
CA ARG A 479 -22.19 -12.56 -23.19
C ARG A 479 -20.71 -12.25 -23.38
N HIS A 480 -20.34 -10.97 -23.30
CA HIS A 480 -18.93 -10.63 -23.43
C HIS A 480 -18.34 -10.97 -22.08
N VAL A 481 -17.25 -11.73 -22.10
CA VAL A 481 -16.62 -12.15 -20.87
C VAL A 481 -15.26 -11.52 -20.64
N ILE A 482 -15.04 -11.01 -19.43
CA ILE A 482 -13.77 -10.42 -19.05
C ILE A 482 -13.31 -11.15 -17.80
N VAL A 483 -12.07 -11.61 -17.82
CA VAL A 483 -11.51 -12.35 -16.69
C VAL A 483 -10.35 -11.61 -16.05
N THR A 484 -10.38 -11.49 -14.73
CA THR A 484 -9.30 -10.87 -13.97
C THR A 484 -8.83 -11.97 -13.04
N THR A 485 -7.62 -11.85 -12.51
CA THR A 485 -7.11 -12.88 -11.62
C THR A 485 -6.20 -12.31 -10.56
N GLY A 486 -5.86 -13.15 -9.59
CA GLY A 486 -4.93 -12.73 -8.55
C GLY A 486 -3.59 -13.18 -9.08
N VAL A 487 -2.65 -13.48 -8.19
CA VAL A 487 -1.34 -13.90 -8.62
C VAL A 487 -0.99 -15.25 -8.01
N GLY A 488 -0.58 -16.19 -8.85
CA GLY A 488 -0.23 -17.51 -8.36
C GLY A 488 -0.64 -18.61 -9.32
N GLN A 489 -0.73 -19.82 -8.81
CA GLN A 489 -1.11 -20.97 -9.60
C GLN A 489 -2.45 -20.80 -10.31
N HIS A 490 -3.45 -20.34 -9.59
CA HIS A 490 -4.79 -20.15 -10.17
C HIS A 490 -4.70 -19.23 -11.39
N GLN A 491 -3.78 -18.27 -11.31
CA GLN A 491 -3.56 -17.32 -12.40
C GLN A 491 -3.01 -18.06 -13.62
N MET A 492 -2.04 -18.94 -13.40
CA MET A 492 -1.46 -19.69 -14.49
C MET A 492 -2.45 -20.69 -15.09
N TRP A 493 -3.25 -21.31 -14.23
CA TRP A 493 -4.23 -22.26 -14.74
C TRP A 493 -5.32 -21.53 -15.52
N ALA A 494 -5.66 -20.31 -15.08
CA ALA A 494 -6.67 -19.53 -15.79
C ALA A 494 -6.13 -19.23 -17.19
N ALA A 495 -4.86 -18.85 -17.23
CA ALA A 495 -4.20 -18.56 -18.50
C ALA A 495 -4.17 -19.79 -19.40
N GLN A 496 -3.70 -20.92 -18.86
CA GLN A 496 -3.59 -22.15 -19.62
C GLN A 496 -4.88 -22.81 -20.06
N HIS A 497 -5.78 -23.03 -19.12
CA HIS A 497 -7.02 -23.73 -19.41
C HIS A 497 -8.22 -22.97 -19.89
N TRP A 498 -8.13 -21.65 -19.99
CA TRP A 498 -9.27 -20.90 -20.47
C TRP A 498 -9.07 -20.82 -21.98
N THR A 499 -10.16 -20.77 -22.74
CA THR A 499 -10.04 -20.68 -24.19
C THR A 499 -10.18 -19.22 -24.56
N TRP A 500 -9.06 -18.57 -24.85
CA TRP A 500 -9.05 -17.16 -25.19
C TRP A 500 -9.37 -16.90 -26.65
N ARG A 501 -10.26 -15.94 -26.89
CA ARG A 501 -10.66 -15.60 -28.25
C ARG A 501 -10.87 -14.13 -28.53
N ASN A 502 -11.30 -13.38 -27.51
CA ASN A 502 -11.56 -11.96 -27.69
C ASN A 502 -10.51 -11.08 -27.02
N PRO A 503 -10.11 -9.99 -27.70
CA PRO A 503 -9.11 -9.07 -27.13
C PRO A 503 -9.66 -8.25 -25.99
N HIS A 504 -8.80 -7.89 -25.04
CA HIS A 504 -9.21 -7.09 -23.89
C HIS A 504 -10.18 -7.86 -22.98
N THR A 505 -9.94 -9.16 -22.82
CA THR A 505 -10.80 -9.96 -21.99
C THR A 505 -10.04 -10.69 -20.88
N PHE A 506 -8.73 -10.50 -20.83
CA PHE A 506 -7.92 -11.11 -19.78
C PHE A 506 -7.11 -10.00 -19.14
N ILE A 507 -7.46 -9.66 -17.91
CA ILE A 507 -6.80 -8.59 -17.18
C ILE A 507 -6.06 -9.15 -15.97
N THR A 508 -4.75 -9.34 -16.09
CA THR A 508 -3.96 -9.93 -15.03
C THR A 508 -2.65 -9.18 -14.79
N SER A 509 -2.15 -9.21 -13.56
CA SER A 509 -0.89 -8.55 -13.21
C SER A 509 0.28 -9.49 -13.55
N GLY A 510 1.10 -9.10 -14.51
CA GLY A 510 2.20 -9.98 -14.90
C GLY A 510 3.59 -9.49 -14.61
N GLY A 511 3.86 -8.21 -14.88
CA GLY A 511 5.18 -7.67 -14.65
C GLY A 511 5.57 -7.60 -13.19
N LEU A 512 4.74 -6.94 -12.38
CA LEU A 512 5.03 -6.81 -10.97
C LEU A 512 4.42 -7.99 -10.23
N GLY A 513 3.29 -8.48 -10.74
CA GLY A 513 2.63 -9.63 -10.12
C GLY A 513 2.10 -9.30 -8.74
N THR A 514 1.11 -8.43 -8.67
CA THR A 514 0.54 -8.00 -7.41
C THR A 514 -0.64 -8.83 -6.91
N MET A 515 -0.44 -9.57 -5.82
CA MET A 515 -1.54 -10.35 -5.24
C MET A 515 -2.59 -9.35 -4.77
N GLY A 516 -3.86 -9.66 -4.97
CA GLY A 516 -4.92 -8.77 -4.54
C GLY A 516 -5.45 -7.90 -5.68
N TYR A 517 -4.85 -8.07 -6.84
CA TYR A 517 -5.21 -7.32 -8.03
C TYR A 517 -6.60 -7.74 -8.53
N GLY A 518 -6.86 -9.04 -8.44
CA GLY A 518 -8.12 -9.60 -8.91
C GLY A 518 -9.41 -8.86 -8.66
N LEU A 519 -9.84 -8.79 -7.41
CA LEU A 519 -11.09 -8.14 -7.06
C LEU A 519 -11.21 -6.68 -7.52
N PRO A 520 -10.32 -5.80 -7.03
CA PRO A 520 -10.39 -4.40 -7.45
C PRO A 520 -10.33 -4.20 -8.96
N ALA A 521 -9.53 -5.02 -9.64
CA ALA A 521 -9.42 -4.92 -11.09
C ALA A 521 -10.76 -5.30 -11.74
N ALA A 522 -11.39 -6.33 -11.20
CA ALA A 522 -12.68 -6.79 -11.73
C ALA A 522 -13.70 -5.68 -11.60
N ILE A 523 -13.69 -5.00 -10.46
CA ILE A 523 -14.61 -3.90 -10.23
C ILE A 523 -14.40 -2.79 -11.25
N GLY A 524 -13.13 -2.43 -11.50
CA GLY A 524 -12.84 -1.40 -12.47
C GLY A 524 -13.29 -1.84 -13.85
N ALA A 525 -12.99 -3.08 -14.20
CA ALA A 525 -13.36 -3.64 -15.50
C ALA A 525 -14.88 -3.61 -15.66
N GLN A 526 -15.61 -3.97 -14.61
CA GLN A 526 -17.06 -3.98 -14.68
C GLN A 526 -17.63 -2.56 -14.86
N VAL A 527 -16.93 -1.56 -14.32
CA VAL A 527 -17.36 -0.19 -14.45
C VAL A 527 -17.15 0.26 -15.90
N ALA A 528 -16.07 -0.24 -16.49
CA ALA A 528 -15.73 0.09 -17.88
C ALA A 528 -16.70 -0.58 -18.85
N LYS A 529 -17.03 -1.84 -18.58
CA LYS A 529 -17.93 -2.61 -19.44
C LYS A 529 -19.12 -3.12 -18.63
N PRO A 530 -20.07 -2.24 -18.31
CA PRO A 530 -21.28 -2.55 -17.54
C PRO A 530 -22.04 -3.79 -17.98
N GLU A 531 -22.06 -4.05 -19.28
CA GLU A 531 -22.81 -5.18 -19.82
C GLU A 531 -22.05 -6.50 -19.86
N SER A 532 -20.75 -6.45 -19.61
CA SER A 532 -19.94 -7.66 -19.64
C SER A 532 -20.04 -8.52 -18.40
N LEU A 533 -19.80 -9.82 -18.58
CA LEU A 533 -19.79 -10.77 -17.48
C LEU A 533 -18.34 -10.72 -17.03
N VAL A 534 -18.11 -10.08 -15.89
CA VAL A 534 -16.76 -9.96 -15.37
C VAL A 534 -16.52 -11.00 -14.28
N ILE A 535 -15.53 -11.85 -14.51
CA ILE A 535 -15.18 -12.89 -13.57
C ILE A 535 -13.78 -12.74 -13.03
N ASP A 536 -13.65 -12.83 -11.71
CA ASP A 536 -12.34 -12.75 -11.07
C ASP A 536 -11.96 -14.13 -10.58
N ILE A 537 -10.99 -14.74 -11.25
CA ILE A 537 -10.52 -16.05 -10.84
C ILE A 537 -9.38 -15.78 -9.87
N ASP A 538 -9.69 -15.87 -8.59
CA ASP A 538 -8.74 -15.57 -7.53
C ASP A 538 -8.21 -16.75 -6.73
N GLY A 539 -7.17 -16.46 -5.96
CA GLY A 539 -6.56 -17.44 -5.08
C GLY A 539 -6.90 -16.98 -3.67
N ASP A 540 -6.94 -17.90 -2.70
CA ASP A 540 -7.29 -17.49 -1.35
C ASP A 540 -6.32 -16.46 -0.77
N ALA A 541 -5.03 -16.70 -0.88
CA ALA A 541 -4.06 -15.74 -0.34
C ALA A 541 -4.19 -14.39 -1.02
N SER A 542 -4.28 -14.41 -2.35
CA SER A 542 -4.41 -13.18 -3.12
C SER A 542 -5.69 -12.44 -2.74
N PHE A 543 -6.77 -13.19 -2.58
CA PHE A 543 -8.03 -12.58 -2.23
C PHE A 543 -7.96 -11.84 -0.89
N ASN A 544 -7.24 -12.42 0.08
CA ASN A 544 -7.14 -11.80 1.40
C ASN A 544 -6.54 -10.40 1.36
N MET A 545 -5.56 -10.20 0.50
CA MET A 545 -4.89 -8.91 0.38
C MET A 545 -5.81 -7.71 0.25
N THR A 546 -6.84 -7.82 -0.59
CA THR A 546 -7.73 -6.69 -0.82
C THR A 546 -9.21 -7.03 -0.69
N LEU A 547 -9.52 -8.10 0.04
CA LEU A 547 -10.91 -8.52 0.20
C LEU A 547 -11.87 -7.47 0.76
N THR A 548 -11.34 -6.36 1.25
CA THR A 548 -12.20 -5.32 1.80
C THR A 548 -12.98 -4.59 0.70
N GLU A 549 -12.43 -4.57 -0.52
CA GLU A 549 -13.10 -3.89 -1.62
C GLU A 549 -14.38 -4.63 -2.01
N LEU A 550 -14.65 -5.74 -1.34
CA LEU A 550 -15.84 -6.53 -1.60
C LEU A 550 -17.09 -5.66 -1.44
N SER A 551 -17.09 -4.82 -0.42
CA SER A 551 -18.23 -3.94 -0.17
C SER A 551 -18.28 -2.82 -1.21
N SER A 552 -17.10 -2.44 -1.73
CA SER A 552 -17.02 -1.40 -2.75
C SER A 552 -17.79 -1.87 -3.98
N ALA A 553 -17.63 -3.16 -4.31
CA ALA A 553 -18.32 -3.74 -5.45
C ALA A 553 -19.82 -3.51 -5.28
N VAL A 554 -20.31 -3.71 -4.06
CA VAL A 554 -21.71 -3.52 -3.79
C VAL A 554 -22.09 -2.04 -3.91
N GLN A 555 -21.30 -1.17 -3.29
CA GLN A 555 -21.57 0.25 -3.37
C GLN A 555 -21.53 0.79 -4.80
N ALA A 556 -20.62 0.29 -5.61
CA ALA A 556 -20.49 0.73 -7.00
C ALA A 556 -21.49 0.07 -7.95
N GLY A 557 -22.21 -0.93 -7.45
CA GLY A 557 -23.18 -1.61 -8.29
C GLY A 557 -22.55 -2.45 -9.39
N THR A 558 -21.37 -3.00 -9.12
CA THR A 558 -20.68 -3.83 -10.10
C THR A 558 -20.90 -5.30 -9.78
N PRO A 559 -21.78 -5.98 -10.54
CA PRO A 559 -22.12 -7.39 -10.37
C PRO A 559 -21.01 -8.37 -10.71
N VAL A 560 -19.82 -8.13 -10.17
CA VAL A 560 -18.70 -9.01 -10.45
C VAL A 560 -18.91 -10.41 -9.87
N LYS A 561 -18.32 -11.41 -10.53
CA LYS A 561 -18.40 -12.79 -10.06
C LYS A 561 -17.02 -13.16 -9.52
N ILE A 562 -16.92 -13.32 -8.20
CA ILE A 562 -15.64 -13.66 -7.59
C ILE A 562 -15.52 -15.17 -7.40
N LEU A 563 -14.50 -15.76 -8.01
CA LEU A 563 -14.27 -17.20 -7.87
C LEU A 563 -12.99 -17.40 -7.09
N ILE A 564 -13.07 -18.13 -5.99
CA ILE A 564 -11.88 -18.40 -5.19
C ILE A 564 -11.48 -19.85 -5.25
N LEU A 565 -10.36 -20.13 -5.89
CA LEU A 565 -9.84 -21.49 -5.94
C LEU A 565 -9.08 -21.61 -4.63
N ASN A 566 -9.77 -22.09 -3.60
CA ASN A 566 -9.19 -22.20 -2.28
C ASN A 566 -8.37 -23.47 -2.02
N ASN A 567 -7.06 -23.32 -1.95
CA ASN A 567 -6.18 -24.44 -1.65
C ASN A 567 -5.53 -24.26 -0.27
N GLU A 568 -5.99 -23.25 0.46
CA GLU A 568 -5.50 -22.94 1.79
C GLU A 568 -3.99 -22.90 1.83
N GLU A 569 -3.41 -22.19 0.87
CA GLU A 569 -1.97 -22.06 0.78
C GLU A 569 -1.62 -21.04 -0.28
N GLN A 570 -0.34 -20.64 -0.29
CA GLN A 570 0.19 -19.70 -1.28
C GLN A 570 0.78 -20.64 -2.32
N GLY A 571 -0.08 -21.16 -3.19
CA GLY A 571 0.32 -22.12 -4.20
C GLY A 571 1.62 -21.92 -4.93
N MET A 572 1.77 -20.82 -5.67
CA MET A 572 2.99 -20.60 -6.43
C MET A 572 4.25 -20.68 -5.57
N VAL A 573 4.20 -20.11 -4.36
CA VAL A 573 5.36 -20.18 -3.49
C VAL A 573 5.63 -21.58 -2.96
N THR A 574 4.59 -22.25 -2.48
CA THR A 574 4.76 -23.60 -1.98
C THR A 574 5.31 -24.44 -3.11
N GLN A 575 4.86 -24.16 -4.35
CA GLN A 575 5.34 -24.93 -5.48
C GLN A 575 6.85 -24.77 -5.59
N TRP A 576 7.34 -23.55 -5.40
CA TRP A 576 8.78 -23.34 -5.48
C TRP A 576 9.49 -23.95 -4.29
N GLN A 577 8.85 -23.88 -3.12
CA GLN A 577 9.45 -24.45 -1.93
C GLN A 577 9.51 -25.97 -2.10
N SER A 578 8.51 -26.54 -2.76
CA SER A 578 8.47 -27.97 -3.00
C SER A 578 9.61 -28.36 -3.93
N LEU A 579 9.81 -27.55 -4.96
CA LEU A 579 10.85 -27.83 -5.93
C LEU A 579 12.28 -27.51 -5.48
N PHE A 580 12.51 -26.31 -4.97
CA PHE A 580 13.87 -25.95 -4.58
C PHE A 580 14.23 -25.94 -3.10
N TYR A 581 13.27 -26.13 -2.23
CA TYR A 581 13.61 -26.12 -0.81
C TYR A 581 13.20 -27.37 -0.04
N GLU A 582 13.34 -28.51 -0.70
CA GLU A 582 13.01 -29.80 -0.10
C GLU A 582 11.73 -29.79 0.72
N HIS A 583 10.68 -29.23 0.15
CA HIS A 583 9.38 -29.18 0.79
C HIS A 583 9.29 -28.47 2.14
N ARG A 584 10.18 -27.53 2.41
CA ARG A 584 10.14 -26.79 3.67
C ARG A 584 9.26 -25.57 3.45
N TYR A 585 8.00 -25.66 3.81
CA TYR A 585 7.09 -24.55 3.61
C TYR A 585 7.18 -23.51 4.71
N SER A 586 8.00 -22.49 4.47
CA SER A 586 8.17 -21.44 5.45
C SER A 586 7.13 -20.33 5.37
N HIS A 587 6.25 -20.30 6.38
CA HIS A 587 5.21 -19.29 6.50
C HIS A 587 4.41 -19.04 5.23
N THR A 588 4.09 -20.10 4.50
CA THR A 588 3.32 -19.96 3.26
C THR A 588 1.92 -20.57 3.34
N HIS A 589 1.39 -20.69 4.55
CA HIS A 589 0.04 -21.21 4.77
C HIS A 589 -0.61 -20.28 5.78
N GLN A 590 -1.67 -19.60 5.35
CA GLN A 590 -2.37 -18.67 6.24
C GLN A 590 -3.77 -19.09 6.61
N LEU A 591 -4.27 -18.52 7.70
CA LEU A 591 -5.61 -18.81 8.18
C LEU A 591 -6.63 -17.96 7.45
N ASN A 592 -7.50 -18.61 6.66
CA ASN A 592 -8.53 -17.92 5.90
C ASN A 592 -9.82 -17.73 6.68
N PRO A 593 -10.56 -16.65 6.37
CA PRO A 593 -11.82 -16.39 7.05
C PRO A 593 -12.88 -17.21 6.31
N ASP A 594 -14.11 -17.25 6.83
CA ASP A 594 -15.18 -17.98 6.16
C ASP A 594 -15.59 -17.07 5.00
N PHE A 595 -15.15 -17.42 3.80
CA PHE A 595 -15.45 -16.63 2.60
C PHE A 595 -16.93 -16.40 2.33
N ILE A 596 -17.75 -17.40 2.62
CA ILE A 596 -19.18 -17.28 2.38
C ILE A 596 -19.80 -16.28 3.36
N LYS A 597 -19.47 -16.43 4.64
CA LYS A 597 -20.01 -15.51 5.65
C LYS A 597 -19.44 -14.13 5.38
N LEU A 598 -18.20 -14.07 4.91
CA LEU A 598 -17.56 -12.81 4.60
C LEU A 598 -18.36 -12.10 3.51
N ALA A 599 -18.64 -12.84 2.44
CA ALA A 599 -19.40 -12.30 1.33
C ALA A 599 -20.74 -11.80 1.82
N GLU A 600 -21.42 -12.62 2.61
CA GLU A 600 -22.73 -12.25 3.15
C GLU A 600 -22.62 -10.97 3.97
N ALA A 601 -21.59 -10.88 4.80
CA ALA A 601 -21.39 -9.69 5.62
C ALA A 601 -21.14 -8.47 4.75
N MET A 602 -20.42 -8.65 3.65
CA MET A 602 -20.10 -7.56 2.73
C MET A 602 -21.28 -7.11 1.87
N GLY A 603 -22.32 -7.94 1.80
CA GLY A 603 -23.49 -7.59 1.01
C GLY A 603 -23.65 -8.30 -0.32
N LEU A 604 -22.97 -9.45 -0.49
CA LEU A 604 -23.05 -10.22 -1.73
C LEU A 604 -23.60 -11.61 -1.45
N LYS A 605 -23.90 -12.34 -2.52
CA LYS A 605 -24.39 -13.70 -2.42
C LYS A 605 -23.13 -14.55 -2.26
N GLY A 606 -23.19 -15.56 -1.40
CA GLY A 606 -22.03 -16.42 -1.18
C GLY A 606 -22.32 -17.87 -1.46
N LEU A 607 -21.47 -18.51 -2.26
CA LEU A 607 -21.65 -19.91 -2.61
C LEU A 607 -20.35 -20.67 -2.36
N ARG A 608 -20.48 -21.92 -1.94
CA ARG A 608 -19.32 -22.78 -1.69
C ARG A 608 -19.55 -24.14 -2.33
N VAL A 609 -18.46 -24.78 -2.78
CA VAL A 609 -18.55 -26.10 -3.38
C VAL A 609 -17.41 -26.96 -2.86
N LYS A 610 -17.72 -28.18 -2.45
CA LYS A 610 -16.71 -29.10 -1.94
C LYS A 610 -16.72 -30.36 -2.78
N LYS A 611 -17.92 -30.86 -3.05
CA LYS A 611 -18.09 -32.08 -3.81
C LYS A 611 -18.05 -31.93 -5.32
N GLN A 612 -17.35 -32.86 -5.98
CA GLN A 612 -17.25 -32.87 -7.44
C GLN A 612 -18.63 -32.82 -8.07
N GLU A 613 -19.54 -33.61 -7.52
CA GLU A 613 -20.91 -33.70 -8.02
C GLU A 613 -21.65 -32.39 -8.14
N GLU A 614 -21.34 -31.45 -7.26
CA GLU A 614 -22.02 -30.16 -7.26
C GLU A 614 -21.35 -29.04 -8.05
N LEU A 615 -20.13 -29.27 -8.51
CA LEU A 615 -19.41 -28.23 -9.25
C LEU A 615 -20.19 -27.61 -10.41
N ASP A 616 -20.70 -28.45 -11.31
CA ASP A 616 -21.43 -27.95 -12.45
C ASP A 616 -22.64 -27.09 -12.08
N ALA A 617 -23.45 -27.56 -11.14
CA ALA A 617 -24.63 -26.82 -10.71
C ALA A 617 -24.23 -25.45 -10.15
N LYS A 618 -23.23 -25.45 -9.27
CA LYS A 618 -22.76 -24.22 -8.65
C LYS A 618 -22.18 -23.23 -9.65
N LEU A 619 -21.40 -23.71 -10.61
CA LEU A 619 -20.81 -22.85 -11.62
C LEU A 619 -21.91 -22.16 -12.40
N LYS A 620 -22.97 -22.90 -12.72
CA LYS A 620 -24.08 -22.32 -13.47
C LYS A 620 -24.83 -21.29 -12.62
N GLU A 621 -25.06 -21.61 -11.35
CA GLU A 621 -25.75 -20.67 -10.48
C GLU A 621 -24.88 -19.43 -10.31
N PHE A 622 -23.57 -19.66 -10.21
CA PHE A 622 -22.59 -18.60 -10.05
C PHE A 622 -22.70 -17.58 -11.18
N VAL A 623 -22.60 -18.06 -12.41
CA VAL A 623 -22.68 -17.19 -13.58
C VAL A 623 -24.06 -16.57 -13.75
N SER A 624 -25.10 -17.32 -13.39
CA SER A 624 -26.48 -16.86 -13.53
C SER A 624 -26.91 -15.80 -12.52
N THR A 625 -26.36 -15.85 -11.31
CA THR A 625 -26.73 -14.91 -10.28
C THR A 625 -26.65 -13.46 -10.74
N LYS A 626 -27.69 -12.69 -10.48
CA LYS A 626 -27.70 -11.29 -10.85
C LYS A 626 -27.16 -10.58 -9.62
N GLY A 627 -26.26 -9.63 -9.82
CA GLY A 627 -25.68 -8.94 -8.68
C GLY A 627 -24.35 -9.59 -8.35
N PRO A 628 -23.51 -8.94 -7.54
CA PRO A 628 -22.20 -9.51 -7.19
C PRO A 628 -22.36 -10.82 -6.44
N VAL A 629 -21.44 -11.75 -6.70
CA VAL A 629 -21.51 -13.03 -6.02
C VAL A 629 -20.12 -13.63 -5.88
N LEU A 630 -19.89 -14.34 -4.78
CA LEU A 630 -18.61 -14.97 -4.54
C LEU A 630 -18.84 -16.47 -4.42
N LEU A 631 -18.03 -17.23 -5.15
CA LEU A 631 -18.10 -18.68 -5.13
C LEU A 631 -16.77 -19.27 -4.69
N GLU A 632 -16.76 -19.97 -3.55
CA GLU A 632 -15.54 -20.58 -3.08
C GLU A 632 -15.54 -22.02 -3.55
N VAL A 633 -14.42 -22.46 -4.10
CA VAL A 633 -14.30 -23.82 -4.57
C VAL A 633 -13.12 -24.45 -3.82
N GLU A 634 -13.40 -25.45 -3.00
CA GLU A 634 -12.35 -26.12 -2.26
C GLU A 634 -11.64 -27.01 -3.27
N VAL A 635 -10.35 -26.76 -3.48
CA VAL A 635 -9.58 -27.54 -4.45
C VAL A 635 -8.43 -28.32 -3.83
N ASP A 636 -7.96 -29.33 -4.57
CA ASP A 636 -6.86 -30.15 -4.08
C ASP A 636 -5.64 -29.28 -3.83
N LYS A 637 -4.81 -29.69 -2.88
CA LYS A 637 -3.63 -28.93 -2.50
C LYS A 637 -2.31 -29.46 -3.02
N LYS A 638 -1.31 -28.59 -3.02
CA LYS A 638 0.04 -28.93 -3.47
C LYS A 638 0.07 -29.52 -4.88
N VAL A 639 -0.78 -29.00 -5.75
CA VAL A 639 -0.83 -29.43 -7.14
C VAL A 639 0.09 -28.47 -7.89
N PRO A 640 1.14 -28.99 -8.54
CA PRO A 640 2.04 -28.09 -9.26
C PRO A 640 1.53 -27.67 -10.64
N VAL A 641 1.95 -26.49 -11.07
CA VAL A 641 1.58 -25.97 -12.38
C VAL A 641 2.66 -26.45 -13.36
N LEU A 642 2.23 -27.12 -14.42
CA LEU A 642 3.16 -27.64 -15.42
C LEU A 642 2.56 -27.42 -16.80
N PRO A 643 3.40 -27.42 -17.85
CA PRO A 643 4.85 -27.64 -17.82
C PRO A 643 5.53 -26.52 -17.06
N MET A 644 6.83 -26.69 -16.80
CA MET A 644 7.58 -25.66 -16.09
C MET A 644 9.05 -25.56 -16.50
N VAL A 645 9.44 -24.35 -16.86
CA VAL A 645 10.81 -24.04 -17.25
C VAL A 645 11.31 -23.08 -16.19
N ALA A 646 12.31 -23.48 -15.41
CA ALA A 646 12.83 -22.62 -14.35
C ALA A 646 14.33 -22.80 -14.21
N GLY A 647 14.96 -21.84 -13.55
CA GLY A 647 16.39 -21.91 -13.35
C GLY A 647 17.17 -21.66 -14.63
N GLY A 648 18.12 -22.54 -14.92
CA GLY A 648 18.91 -22.38 -16.12
C GLY A 648 18.41 -23.23 -17.27
N SER A 649 17.14 -23.63 -17.20
CA SER A 649 16.56 -24.45 -18.25
C SER A 649 16.20 -23.62 -19.47
N GLY A 650 16.34 -24.23 -20.66
CA GLY A 650 15.98 -23.55 -21.89
C GLY A 650 14.50 -23.79 -22.08
N LEU A 651 13.83 -22.99 -22.91
CA LEU A 651 12.40 -23.18 -23.08
C LEU A 651 12.02 -24.59 -23.49
N ASP A 652 12.97 -25.31 -24.09
CA ASP A 652 12.71 -26.67 -24.52
C ASP A 652 13.12 -27.71 -23.48
N GLU A 653 13.56 -27.25 -22.32
CA GLU A 653 13.98 -28.13 -21.22
C GLU A 653 12.98 -27.95 -20.08
N PHE A 654 11.74 -28.29 -20.35
CA PHE A 654 10.66 -28.15 -19.39
C PHE A 654 10.34 -29.41 -18.61
N ILE A 655 9.79 -29.24 -17.42
CA ILE A 655 9.36 -30.36 -16.60
C ILE A 655 7.95 -30.65 -17.11
N ASN A 656 7.66 -31.93 -17.39
CA ASN A 656 6.35 -32.31 -17.90
C ASN A 656 5.53 -33.02 -16.82
N PHE A 657 4.21 -32.97 -16.93
CA PHE A 657 3.35 -33.63 -15.96
C PHE A 657 3.55 -35.13 -16.01
N ASP A 658 3.60 -35.75 -14.84
CA ASP A 658 3.77 -37.20 -14.75
C ASP A 658 3.02 -37.69 -13.52
N PRO A 659 1.88 -38.39 -13.72
CA PRO A 659 1.06 -38.91 -12.62
C PRO A 659 1.85 -39.77 -11.63
N GLU A 660 2.79 -40.55 -12.13
CA GLU A 660 3.60 -41.40 -11.27
C GLU A 660 4.48 -40.52 -10.39
N VAL A 661 5.14 -39.56 -11.00
CA VAL A 661 6.01 -38.65 -10.26
C VAL A 661 5.21 -37.82 -9.25
N GLU A 662 3.99 -37.41 -9.62
CA GLU A 662 3.18 -36.63 -8.69
C GLU A 662 2.94 -37.42 -7.41
N ARG A 663 2.54 -38.68 -7.59
CA ARG A 663 2.26 -39.56 -6.45
C ARG A 663 3.52 -39.76 -5.62
N GLN A 664 4.67 -39.86 -6.27
CA GLN A 664 5.93 -40.03 -5.55
C GLN A 664 6.26 -38.79 -4.73
N GLN A 665 6.13 -37.62 -5.36
CA GLN A 665 6.41 -36.35 -4.72
C GLN A 665 5.51 -36.15 -3.52
N THR A 666 4.26 -36.57 -3.66
CA THR A 666 3.29 -36.44 -2.59
C THR A 666 3.78 -37.19 -1.35
N GLU A 667 4.17 -38.45 -1.55
CA GLU A 667 4.68 -39.29 -0.46
C GLU A 667 5.84 -38.59 0.21
N LEU A 668 6.82 -38.21 -0.60
CA LEU A 668 8.02 -37.52 -0.15
C LEU A 668 7.69 -36.24 0.63
N ARG A 669 6.61 -35.57 0.23
CA ARG A 669 6.19 -34.34 0.89
C ARG A 669 5.68 -34.63 2.30
N HIS A 670 4.77 -35.58 2.41
CA HIS A 670 4.20 -35.93 3.71
C HIS A 670 5.31 -36.29 4.71
N LYS A 671 6.34 -36.98 4.23
CA LYS A 671 7.45 -37.37 5.10
C LYS A 671 8.23 -36.13 5.55
N ARG A 672 8.69 -35.35 4.58
CA ARG A 672 9.47 -34.16 4.87
C ARG A 672 8.79 -33.13 5.74
N THR A 673 7.49 -32.94 5.57
CA THR A 673 6.78 -31.94 6.37
C THR A 673 6.26 -32.53 7.68
N GLY A 674 6.73 -33.73 8.02
CA GLY A 674 6.26 -34.36 9.24
C GLY A 674 4.75 -34.49 9.23
N GLY A 675 4.19 -34.76 8.05
CA GLY A 675 2.76 -34.91 7.94
C GLY A 675 1.93 -33.64 8.00
N LYS A 676 2.60 -32.49 8.06
CA LYS A 676 1.89 -31.21 8.11
C LYS A 676 1.20 -30.86 6.78
N HIS A 677 1.84 -31.22 5.66
CA HIS A 677 1.31 -30.93 4.33
C HIS A 677 1.57 -32.09 3.37
N PRO B 73 39.50 -12.89 17.14
CA PRO B 73 40.55 -12.25 16.30
C PRO B 73 39.97 -11.12 15.44
N ASP B 74 40.80 -10.55 14.57
CA ASP B 74 40.34 -9.47 13.70
C ASP B 74 39.33 -10.03 12.71
N MET B 75 39.63 -11.20 12.16
CA MET B 75 38.75 -11.86 11.21
C MET B 75 37.87 -12.84 11.97
N ASP B 76 36.63 -12.99 11.52
CA ASP B 76 35.69 -13.89 12.15
C ASP B 76 35.19 -14.91 11.12
N THR B 77 35.13 -16.17 11.53
CA THR B 77 34.69 -17.23 10.63
C THR B 77 33.49 -18.01 11.15
N SER B 78 32.80 -17.46 12.14
CA SER B 78 31.64 -18.12 12.70
C SER B 78 30.51 -18.19 11.66
N PHE B 79 30.76 -17.63 10.48
CA PHE B 79 29.77 -17.63 9.41
C PHE B 79 30.23 -18.35 8.13
N VAL B 80 31.54 -18.42 7.89
CA VAL B 80 32.04 -19.09 6.69
C VAL B 80 31.34 -20.42 6.56
N GLY B 81 30.75 -20.68 5.39
CA GLY B 81 30.05 -21.93 5.18
C GLY B 81 28.55 -21.75 5.21
N LEU B 82 28.09 -20.68 5.86
CA LEU B 82 26.67 -20.38 5.94
C LEU B 82 26.16 -19.62 4.73
N THR B 83 24.84 -19.63 4.54
CA THR B 83 24.23 -18.92 3.44
C THR B 83 23.83 -17.54 3.96
N GLY B 84 23.61 -16.60 3.05
CA GLY B 84 23.20 -15.28 3.49
C GLY B 84 21.98 -15.41 4.38
N GLY B 85 21.06 -16.28 3.99
CA GLY B 85 19.85 -16.49 4.76
C GLY B 85 20.13 -16.97 6.18
N GLN B 86 21.07 -17.89 6.31
CA GLN B 86 21.41 -18.42 7.63
C GLN B 86 22.09 -17.33 8.45
N ILE B 87 22.95 -16.55 7.80
CA ILE B 87 23.64 -15.46 8.48
C ILE B 87 22.59 -14.48 8.99
N PHE B 88 21.57 -14.23 8.19
CA PHE B 88 20.48 -13.34 8.55
C PHE B 88 19.85 -13.84 9.86
N ASN B 89 19.59 -15.14 9.90
CA ASN B 89 18.98 -15.77 11.06
C ASN B 89 19.86 -15.53 12.30
N GLU B 90 21.15 -15.76 12.17
CA GLU B 90 22.06 -15.55 13.28
C GLU B 90 22.08 -14.08 13.72
N MET B 91 22.06 -13.17 12.76
CA MET B 91 22.08 -11.75 13.09
C MET B 91 20.86 -11.29 13.85
N MET B 92 19.71 -11.90 13.57
CA MET B 92 18.49 -11.51 14.27
C MET B 92 18.67 -11.85 15.73
N SER B 93 19.34 -12.97 15.98
CA SER B 93 19.61 -13.44 17.32
C SER B 93 20.57 -12.47 18.01
N ARG B 94 21.64 -12.12 17.32
CA ARG B 94 22.63 -11.20 17.87
C ARG B 94 22.08 -9.81 18.10
N GLN B 95 21.03 -9.46 17.36
CA GLN B 95 20.41 -8.14 17.50
C GLN B 95 19.28 -8.16 18.52
N ASN B 96 19.16 -9.27 19.23
CA ASN B 96 18.14 -9.42 20.27
C ASN B 96 16.74 -9.27 19.70
N VAL B 97 16.52 -9.76 18.48
CA VAL B 97 15.22 -9.69 17.87
C VAL B 97 14.42 -10.91 18.29
N ASP B 98 13.24 -10.69 18.87
CA ASP B 98 12.41 -11.82 19.28
C ASP B 98 11.15 -11.95 18.44
N THR B 99 10.94 -11.00 17.55
CA THR B 99 9.76 -11.04 16.68
C THR B 99 10.03 -10.44 15.30
N VAL B 100 9.50 -11.10 14.28
CA VAL B 100 9.64 -10.63 12.91
C VAL B 100 8.27 -10.68 12.23
N PHE B 101 7.87 -9.59 11.59
CA PHE B 101 6.61 -9.55 10.90
C PHE B 101 6.92 -9.59 9.41
N GLY B 102 6.30 -10.51 8.68
CA GLY B 102 6.59 -10.59 7.27
C GLY B 102 5.62 -11.38 6.43
N TYR B 103 5.93 -11.44 5.13
CA TYR B 103 5.14 -12.16 4.15
C TYR B 103 6.11 -12.71 3.11
N PRO B 104 6.10 -14.03 2.88
CA PRO B 104 7.01 -14.64 1.91
C PRO B 104 6.76 -14.30 0.44
N GLY B 105 7.82 -14.46 -0.36
CA GLY B 105 7.78 -14.20 -1.78
C GLY B 105 8.99 -14.84 -2.42
N GLY B 106 8.92 -15.07 -3.73
CA GLY B 106 10.02 -15.72 -4.42
C GLY B 106 11.41 -15.17 -4.14
N ALA B 107 11.58 -13.86 -4.34
CA ALA B 107 12.86 -13.22 -4.13
C ALA B 107 13.46 -13.36 -2.74
N ILE B 108 12.61 -13.42 -1.73
CA ILE B 108 13.09 -13.53 -0.36
C ILE B 108 13.09 -14.97 0.18
N LEU B 109 12.76 -15.93 -0.67
CA LEU B 109 12.70 -17.33 -0.23
C LEU B 109 13.96 -17.87 0.45
N PRO B 110 15.15 -17.47 -0.01
CA PRO B 110 16.37 -17.98 0.62
C PRO B 110 16.43 -17.66 2.11
N VAL B 111 15.89 -16.51 2.50
CA VAL B 111 15.89 -16.11 3.90
C VAL B 111 14.78 -16.84 4.65
N TYR B 112 13.66 -17.09 3.98
CA TYR B 112 12.57 -17.79 4.63
C TYR B 112 12.90 -19.24 4.91
N ASP B 113 13.65 -19.85 4.02
CA ASP B 113 14.04 -21.24 4.21
C ASP B 113 14.98 -21.31 5.40
N ALA B 114 15.82 -20.28 5.53
CA ALA B 114 16.77 -20.21 6.62
C ALA B 114 16.12 -20.00 7.99
N ILE B 115 15.03 -19.22 8.03
CA ILE B 115 14.36 -18.98 9.30
C ILE B 115 13.21 -19.95 9.50
N HIS B 116 13.19 -21.01 8.70
CA HIS B 116 12.13 -22.01 8.81
C HIS B 116 12.22 -22.71 10.16
N ASN B 117 11.12 -22.69 10.90
CA ASN B 117 11.05 -23.31 12.22
C ASN B 117 12.14 -22.81 13.15
N SER B 118 12.73 -21.66 12.82
CA SER B 118 13.76 -21.08 13.67
C SER B 118 13.14 -20.77 15.03
N ASP B 119 13.86 -21.06 16.10
CA ASP B 119 13.34 -20.79 17.42
C ASP B 119 14.01 -19.56 18.02
N LYS B 120 14.69 -18.81 17.15
CA LYS B 120 15.37 -17.57 17.56
C LYS B 120 14.38 -16.42 17.72
N PHE B 121 13.17 -16.58 17.20
CA PHE B 121 12.16 -15.54 17.30
C PHE B 121 10.81 -16.01 16.77
N ASN B 122 9.77 -15.26 17.12
CA ASN B 122 8.42 -15.58 16.67
C ASN B 122 8.15 -14.83 15.38
N PHE B 123 7.40 -15.48 14.49
CA PHE B 123 7.06 -14.87 13.21
C PHE B 123 5.57 -14.57 13.17
N VAL B 124 5.21 -13.36 12.75
CA VAL B 124 3.81 -12.99 12.64
C VAL B 124 3.47 -12.77 11.17
N LEU B 125 2.43 -13.45 10.71
CA LEU B 125 1.99 -13.37 9.33
C LEU B 125 0.73 -12.54 9.15
N PRO B 126 0.78 -11.52 8.29
CA PRO B 126 -0.40 -10.67 8.04
C PRO B 126 -1.02 -11.15 6.71
N LYS B 127 -2.08 -10.51 6.27
CA LYS B 127 -2.69 -10.88 5.01
C LYS B 127 -2.16 -9.97 3.91
N HIS B 128 -1.57 -8.85 4.33
CA HIS B 128 -1.04 -7.84 3.43
C HIS B 128 0.23 -7.24 4.07
N GLU B 129 1.24 -6.95 3.26
CA GLU B 129 2.48 -6.40 3.80
C GLU B 129 2.28 -5.12 4.57
N GLN B 130 1.30 -4.32 4.17
CA GLN B 130 1.04 -3.07 4.89
C GLN B 130 0.71 -3.44 6.33
N GLY B 131 0.02 -4.57 6.50
CA GLY B 131 -0.34 -5.02 7.83
C GLY B 131 0.93 -5.31 8.61
N ALA B 132 1.88 -5.95 7.95
CA ALA B 132 3.15 -6.28 8.59
C ALA B 132 3.82 -5.02 9.11
N GLY B 133 3.90 -4.02 8.25
CA GLY B 133 4.53 -2.77 8.62
C GLY B 133 3.90 -2.11 9.82
N HIS B 134 2.58 -1.98 9.79
CA HIS B 134 1.89 -1.35 10.91
C HIS B 134 2.00 -2.19 12.18
N MET B 135 2.08 -3.51 12.03
CA MET B 135 2.23 -4.38 13.18
C MET B 135 3.60 -4.14 13.78
N ALA B 136 4.59 -3.93 12.91
CA ALA B 136 5.95 -3.68 13.37
C ALA B 136 5.98 -2.37 14.16
N GLU B 137 5.27 -1.36 13.66
CA GLU B 137 5.22 -0.07 14.33
C GLU B 137 4.58 -0.19 15.71
N GLY B 138 3.44 -0.85 15.76
CA GLY B 138 2.75 -1.03 17.03
C GLY B 138 3.64 -1.77 18.01
N TYR B 139 4.30 -2.81 17.52
CA TYR B 139 5.20 -3.60 18.34
C TYR B 139 6.31 -2.71 18.89
N ALA B 140 6.94 -1.95 18.00
CA ALA B 140 8.01 -1.04 18.40
C ALA B 140 7.54 -0.02 19.43
N ARG B 141 6.38 0.57 19.18
CA ARG B 141 5.81 1.56 20.09
C ARG B 141 5.62 1.02 21.51
N ALA B 142 5.07 -0.18 21.62
CA ALA B 142 4.81 -0.78 22.92
C ALA B 142 6.02 -1.42 23.58
N SER B 143 6.91 -2.00 22.80
CA SER B 143 8.08 -2.67 23.36
C SER B 143 9.32 -1.81 23.54
N GLY B 144 9.47 -0.80 22.71
CA GLY B 144 10.65 0.05 22.81
C GLY B 144 11.74 -0.48 21.91
N LYS B 145 11.59 -1.73 21.48
CA LYS B 145 12.56 -2.37 20.59
C LYS B 145 12.17 -2.05 19.14
N PRO B 146 13.13 -2.17 18.22
CA PRO B 146 12.81 -1.89 16.82
C PRO B 146 11.93 -2.98 16.21
N GLY B 147 11.00 -2.58 15.34
CA GLY B 147 10.13 -3.55 14.69
C GLY B 147 10.80 -4.07 13.44
N VAL B 148 10.92 -5.39 13.32
CA VAL B 148 11.57 -5.99 12.16
C VAL B 148 10.57 -6.55 11.13
N VAL B 149 10.70 -6.08 9.89
CA VAL B 149 9.83 -6.51 8.80
C VAL B 149 10.62 -7.28 7.75
N LEU B 150 10.04 -8.37 7.25
CA LEU B 150 10.67 -9.20 6.23
C LEU B 150 9.69 -9.50 5.10
N VAL B 151 9.87 -8.83 3.98
CA VAL B 151 8.99 -9.03 2.83
C VAL B 151 9.77 -9.30 1.54
N THR B 152 9.04 -9.67 0.49
CA THR B 152 9.68 -9.99 -0.78
C THR B 152 9.85 -8.77 -1.66
N SER B 153 10.37 -8.97 -2.86
CA SER B 153 10.60 -7.87 -3.78
C SER B 153 9.32 -7.35 -4.44
N GLY B 154 9.49 -6.40 -5.34
CA GLY B 154 8.37 -5.84 -6.07
C GLY B 154 7.18 -5.39 -5.23
N PRO B 155 6.01 -5.98 -5.45
CA PRO B 155 4.79 -5.62 -4.72
C PRO B 155 4.93 -5.79 -3.21
N GLY B 156 5.74 -6.76 -2.80
CA GLY B 156 5.94 -6.97 -1.38
C GLY B 156 6.60 -5.76 -0.77
N ALA B 157 7.52 -5.16 -1.53
CA ALA B 157 8.25 -3.99 -1.07
C ALA B 157 7.43 -2.71 -1.17
N THR B 158 6.79 -2.49 -2.31
CA THR B 158 5.99 -1.28 -2.47
C THR B 158 4.83 -1.26 -1.48
N ASN B 159 4.39 -2.44 -1.05
CA ASN B 159 3.28 -2.52 -0.10
C ASN B 159 3.64 -2.04 1.31
N VAL B 160 4.92 -1.89 1.62
CA VAL B 160 5.31 -1.41 2.95
C VAL B 160 5.79 0.05 2.91
N VAL B 161 5.54 0.75 1.81
CA VAL B 161 5.97 2.13 1.71
C VAL B 161 5.22 3.00 2.69
N THR B 162 3.90 2.84 2.76
CA THR B 162 3.07 3.61 3.68
C THR B 162 3.53 3.42 5.13
N PRO B 163 3.74 2.17 5.56
CA PRO B 163 4.19 1.98 6.95
C PRO B 163 5.53 2.65 7.21
N MET B 164 6.44 2.59 6.23
CA MET B 164 7.74 3.21 6.38
C MET B 164 7.58 4.73 6.47
N ALA B 165 6.79 5.30 5.57
CA ALA B 165 6.54 6.74 5.57
C ALA B 165 5.95 7.14 6.91
N ASP B 166 5.09 6.28 7.44
CA ASP B 166 4.44 6.52 8.71
C ASP B 166 5.45 6.48 9.86
N ALA B 167 6.25 5.42 9.90
CA ALA B 167 7.26 5.27 10.93
C ALA B 167 8.29 6.41 10.82
N PHE B 168 8.45 6.93 9.61
CA PHE B 168 9.40 8.01 9.38
C PHE B 168 8.87 9.31 9.97
N ALA B 169 7.57 9.54 9.81
CA ALA B 169 6.97 10.74 10.34
C ALA B 169 6.91 10.77 11.86
N ASP B 170 6.56 9.65 12.47
CA ASP B 170 6.45 9.59 13.93
C ASP B 170 7.74 9.13 14.62
N GLY B 171 8.82 9.02 13.87
CA GLY B 171 10.10 8.60 14.44
C GLY B 171 10.07 7.26 15.16
N ILE B 172 9.59 6.23 14.47
CA ILE B 172 9.53 4.89 15.05
C ILE B 172 10.63 3.99 14.51
N PRO B 173 11.35 3.30 15.40
CA PRO B 173 12.44 2.39 15.02
C PRO B 173 11.91 1.17 14.27
N MET B 174 12.33 1.03 13.03
CA MET B 174 11.88 -0.08 12.21
C MET B 174 12.93 -0.45 11.18
N VAL B 175 13.25 -1.75 11.11
CA VAL B 175 14.22 -2.25 10.14
C VAL B 175 13.45 -3.11 9.15
N VAL B 176 13.34 -2.62 7.92
CA VAL B 176 12.62 -3.33 6.87
C VAL B 176 13.56 -4.05 5.92
N PHE B 177 13.41 -5.37 5.83
CA PHE B 177 14.21 -6.18 4.92
C PHE B 177 13.33 -6.56 3.74
N THR B 178 13.73 -6.16 2.54
CA THR B 178 12.97 -6.49 1.35
C THR B 178 13.79 -7.34 0.41
N GLY B 179 13.20 -8.45 -0.04
CA GLY B 179 13.89 -9.32 -0.96
C GLY B 179 14.01 -8.58 -2.28
N GLN B 180 15.02 -8.91 -3.06
CA GLN B 180 15.25 -8.27 -4.35
C GLN B 180 15.64 -9.34 -5.36
N VAL B 181 15.45 -9.06 -6.64
CA VAL B 181 15.83 -10.03 -7.66
C VAL B 181 17.34 -10.16 -7.63
N PRO B 182 17.89 -11.21 -8.25
CA PRO B 182 19.34 -11.43 -8.27
C PRO B 182 20.07 -10.23 -8.84
N THR B 183 21.20 -9.88 -8.25
CA THR B 183 21.97 -8.74 -8.72
C THR B 183 22.17 -8.79 -10.22
N SER B 184 22.28 -9.99 -10.76
CA SER B 184 22.49 -10.17 -12.19
C SER B 184 21.25 -9.85 -13.02
N ALA B 185 20.11 -9.66 -12.36
CA ALA B 185 18.89 -9.34 -13.08
C ALA B 185 18.43 -7.92 -12.80
N ILE B 186 19.06 -7.28 -11.82
CA ILE B 186 18.71 -5.92 -11.47
C ILE B 186 18.93 -4.98 -12.64
N GLY B 187 17.94 -4.15 -12.92
CA GLY B 187 18.05 -3.20 -14.01
C GLY B 187 17.63 -3.75 -15.35
N THR B 188 17.04 -4.94 -15.38
CA THR B 188 16.62 -5.53 -16.63
C THR B 188 15.11 -5.58 -16.70
N ASP B 189 14.45 -4.81 -15.84
CA ASP B 189 12.99 -4.81 -15.79
C ASP B 189 12.56 -6.24 -15.52
N ALA B 190 13.29 -6.87 -14.59
CA ALA B 190 13.05 -8.26 -14.21
C ALA B 190 11.72 -8.47 -13.50
N PHE B 191 11.33 -9.73 -13.42
CA PHE B 191 10.10 -10.13 -12.77
C PHE B 191 10.11 -9.73 -11.31
N GLN B 192 9.07 -8.99 -10.90
CA GLN B 192 8.91 -8.51 -9.54
C GLN B 192 10.08 -7.64 -9.05
N GLU B 193 10.66 -6.86 -9.97
CA GLU B 193 11.76 -5.98 -9.61
C GLU B 193 11.28 -4.53 -9.47
N ALA B 194 11.77 -3.84 -8.44
CA ALA B 194 11.42 -2.45 -8.20
C ALA B 194 12.63 -1.74 -7.61
N ASP B 195 12.76 -0.45 -7.91
CA ASP B 195 13.87 0.31 -7.36
C ASP B 195 13.45 0.69 -5.94
N VAL B 196 13.51 -0.30 -5.05
CA VAL B 196 13.12 -0.10 -3.66
C VAL B 196 13.98 0.95 -2.96
N VAL B 197 15.29 0.89 -3.16
CA VAL B 197 16.19 1.85 -2.54
C VAL B 197 15.81 3.27 -3.00
N GLY B 198 15.39 3.39 -4.25
CA GLY B 198 15.00 4.69 -4.78
C GLY B 198 13.66 5.15 -4.20
N ILE B 199 12.66 4.28 -4.27
CA ILE B 199 11.34 4.57 -3.75
C ILE B 199 11.35 4.99 -2.29
N SER B 200 12.05 4.22 -1.45
CA SER B 200 12.11 4.48 -0.01
C SER B 200 13.13 5.50 0.47
N ARG B 201 13.93 6.05 -0.44
CA ARG B 201 14.95 7.03 -0.07
C ARG B 201 14.43 8.16 0.84
N SER B 202 13.31 8.76 0.47
CA SER B 202 12.75 9.87 1.22
C SER B 202 11.94 9.49 2.46
N CYS B 203 11.66 8.21 2.66
CA CYS B 203 10.89 7.81 3.83
C CYS B 203 11.62 6.80 4.72
N THR B 204 12.94 6.94 4.78
CA THR B 204 13.79 6.11 5.62
C THR B 204 14.98 6.93 6.05
N LYS B 205 15.45 6.70 7.27
CA LYS B 205 16.61 7.43 7.77
C LYS B 205 17.79 7.03 6.91
N TRP B 206 17.78 5.78 6.47
CA TRP B 206 18.87 5.24 5.68
C TRP B 206 18.42 3.94 5.04
N ASN B 207 19.01 3.61 3.90
CA ASN B 207 18.70 2.35 3.24
C ASN B 207 19.92 1.92 2.44
N VAL B 208 19.94 0.66 2.02
CA VAL B 208 21.07 0.13 1.29
C VAL B 208 20.70 -1.20 0.65
N MET B 209 21.43 -1.55 -0.40
CA MET B 209 21.23 -2.82 -1.06
C MET B 209 22.49 -3.62 -0.81
N VAL B 210 22.36 -4.76 -0.14
CA VAL B 210 23.52 -5.59 0.15
C VAL B 210 24.08 -6.16 -1.16
N LYS B 211 25.33 -5.81 -1.47
CA LYS B 211 25.97 -6.26 -2.70
C LYS B 211 26.52 -7.68 -2.64
N SER B 212 26.98 -8.10 -1.47
CA SER B 212 27.52 -9.45 -1.31
C SER B 212 27.25 -9.98 0.08
N VAL B 213 27.32 -11.31 0.23
CA VAL B 213 27.07 -11.93 1.51
C VAL B 213 28.11 -11.51 2.56
N GLU B 214 29.33 -11.23 2.11
CA GLU B 214 30.39 -10.81 3.03
C GLU B 214 29.97 -9.52 3.74
N GLU B 215 29.21 -8.71 3.00
CA GLU B 215 28.73 -7.41 3.44
C GLU B 215 27.46 -7.47 4.29
N LEU B 216 26.81 -8.63 4.30
CA LEU B 216 25.55 -8.80 5.03
C LEU B 216 25.57 -8.46 6.52
N PRO B 217 26.44 -9.11 7.30
CA PRO B 217 26.48 -8.81 8.74
C PRO B 217 26.63 -7.31 9.00
N LEU B 218 27.55 -6.69 8.30
CA LEU B 218 27.80 -5.26 8.43
C LEU B 218 26.52 -4.46 8.25
N ARG B 219 25.93 -4.55 7.07
CA ARG B 219 24.71 -3.82 6.76
C ARG B 219 23.60 -4.03 7.78
N ILE B 220 23.41 -5.26 8.23
CA ILE B 220 22.39 -5.54 9.22
C ILE B 220 22.67 -4.75 10.50
N ASN B 221 23.92 -4.74 10.92
CA ASN B 221 24.29 -4.01 12.13
C ASN B 221 24.14 -2.50 12.00
N GLU B 222 24.51 -1.97 10.83
CA GLU B 222 24.38 -0.53 10.59
C GLU B 222 22.89 -0.16 10.61
N ALA B 223 22.07 -1.01 9.99
CA ALA B 223 20.63 -0.76 9.94
C ALA B 223 20.05 -0.61 11.33
N PHE B 224 20.24 -1.62 12.19
CA PHE B 224 19.70 -1.57 13.54
C PHE B 224 20.22 -0.37 14.33
N GLU B 225 21.49 -0.04 14.18
CA GLU B 225 22.06 1.09 14.90
C GLU B 225 21.42 2.41 14.46
N ILE B 226 21.34 2.62 13.15
CA ILE B 226 20.76 3.84 12.62
C ILE B 226 19.28 3.97 12.99
N ALA B 227 18.55 2.85 12.94
CA ALA B 227 17.14 2.85 13.23
C ALA B 227 16.85 3.20 14.68
N THR B 228 17.74 2.81 15.58
CA THR B 228 17.53 3.05 17.01
C THR B 228 18.28 4.21 17.67
N SER B 229 19.07 4.96 16.89
CA SER B 229 19.81 6.08 17.45
C SER B 229 19.26 7.44 17.01
N GLY B 230 19.73 8.51 17.64
CA GLY B 230 19.26 9.86 17.33
C GLY B 230 17.76 9.86 17.48
N ARG B 231 17.06 10.31 16.44
CA ARG B 231 15.60 10.25 16.50
C ARG B 231 15.33 8.92 15.83
N PRO B 232 14.72 7.97 16.55
CA PRO B 232 14.44 6.68 15.94
C PRO B 232 13.73 6.83 14.61
N GLY B 233 13.82 5.82 13.76
CA GLY B 233 13.18 5.88 12.47
C GLY B 233 13.33 4.57 11.71
N PRO B 234 12.70 4.47 10.53
CA PRO B 234 12.78 3.25 9.71
C PRO B 234 13.98 3.23 8.77
N VAL B 235 14.51 2.03 8.53
CA VAL B 235 15.61 1.84 7.60
C VAL B 235 15.25 0.65 6.74
N LEU B 236 15.78 0.59 5.53
CA LEU B 236 15.48 -0.52 4.64
C LEU B 236 16.74 -1.17 4.11
N VAL B 237 16.79 -2.49 4.18
CA VAL B 237 17.93 -3.24 3.69
C VAL B 237 17.42 -4.12 2.54
N ASP B 238 17.90 -3.83 1.34
CA ASP B 238 17.51 -4.57 0.14
C ASP B 238 18.37 -5.83 0.02
N LEU B 239 17.72 -7.00 -0.01
CA LEU B 239 18.43 -8.27 -0.09
C LEU B 239 18.27 -9.05 -1.40
N PRO B 240 19.26 -8.97 -2.30
CA PRO B 240 19.22 -9.68 -3.58
C PRO B 240 19.21 -11.18 -3.35
N LYS B 241 18.32 -11.89 -4.05
CA LYS B 241 18.20 -13.33 -3.90
C LYS B 241 19.53 -14.07 -4.01
N ASP B 242 20.36 -13.70 -4.97
CA ASP B 242 21.64 -14.37 -5.13
C ASP B 242 22.58 -14.10 -3.95
N VAL B 243 22.36 -13.00 -3.24
CA VAL B 243 23.19 -12.67 -2.08
C VAL B 243 22.76 -13.48 -0.86
N THR B 244 21.46 -13.62 -0.66
CA THR B 244 20.96 -14.38 0.48
C THR B 244 21.08 -15.89 0.28
N ALA B 245 21.20 -16.32 -0.97
CA ALA B 245 21.32 -17.73 -1.27
C ALA B 245 22.80 -18.12 -1.30
N ALA B 246 23.66 -17.13 -1.52
CA ALA B 246 25.10 -17.37 -1.59
C ALA B 246 25.69 -17.87 -0.28
N ILE B 247 26.77 -18.63 -0.38
CA ILE B 247 27.44 -19.16 0.80
C ILE B 247 28.71 -18.35 1.06
N LEU B 248 28.91 -17.98 2.32
CA LEU B 248 30.08 -17.19 2.68
C LEU B 248 31.36 -18.00 2.51
N ARG B 249 32.19 -17.61 1.55
CA ARG B 249 33.44 -18.32 1.26
C ARG B 249 34.65 -17.57 1.78
N ASN B 250 34.44 -16.40 2.38
CA ASN B 250 35.55 -15.60 2.89
C ASN B 250 35.34 -15.18 4.34
N PRO B 251 36.38 -15.25 5.18
CA PRO B 251 36.21 -14.84 6.57
C PRO B 251 36.03 -13.32 6.59
N ILE B 252 35.17 -12.81 7.45
CA ILE B 252 34.94 -11.37 7.50
C ILE B 252 35.39 -10.76 8.82
N PRO B 253 35.69 -9.44 8.81
CA PRO B 253 36.13 -8.71 10.00
C PRO B 253 35.19 -8.90 11.18
N THR B 254 35.71 -9.45 12.27
CA THR B 254 34.92 -9.71 13.47
C THR B 254 34.12 -8.50 13.92
N LYS B 255 34.66 -7.31 13.66
CA LYS B 255 33.99 -6.07 14.03
C LYS B 255 32.64 -5.94 13.33
N THR B 256 32.64 -6.18 12.02
CA THR B 256 31.45 -6.08 11.20
C THR B 256 30.32 -7.02 11.63
N THR B 257 30.68 -8.09 12.34
CA THR B 257 29.68 -9.08 12.78
C THR B 257 29.07 -8.78 14.15
N LEU B 258 29.72 -7.88 14.91
CA LEU B 258 29.24 -7.52 16.24
C LEU B 258 28.40 -6.23 16.24
N PRO B 259 27.18 -6.30 16.78
CA PRO B 259 26.25 -5.16 16.86
C PRO B 259 26.87 -3.89 17.46
N SER B 260 27.28 -2.97 16.61
CA SER B 260 27.87 -1.71 17.06
C SER B 260 26.92 -0.96 17.99
N SER B 268 31.05 12.50 22.85
CA SER B 268 31.98 12.58 21.73
C SER B 268 32.35 14.04 21.45
N ARG B 269 33.45 14.24 20.72
CA ARG B 269 33.92 15.58 20.38
C ARG B 269 34.10 16.47 21.62
N ALA B 270 34.18 17.78 21.40
CA ALA B 270 34.35 18.74 22.49
C ALA B 270 33.14 19.66 22.58
N GLN B 271 32.09 19.35 21.82
CA GLN B 271 30.86 20.12 21.84
C GLN B 271 30.19 19.93 23.19
N ASP B 272 30.67 18.94 23.92
CA ASP B 272 30.16 18.61 25.24
C ASP B 272 30.13 19.84 26.12
N GLU B 273 30.90 20.85 25.75
CA GLU B 273 30.95 22.09 26.50
C GLU B 273 29.73 22.94 26.12
N PHE B 274 29.43 22.97 24.81
CA PHE B 274 28.30 23.74 24.32
C PHE B 274 27.01 23.27 24.97
N VAL B 275 26.85 21.95 25.10
CA VAL B 275 25.65 21.39 25.70
C VAL B 275 25.55 21.82 27.15
N MET B 276 26.66 21.71 27.88
CA MET B 276 26.68 22.11 29.28
C MET B 276 26.29 23.57 29.41
N GLN B 277 26.91 24.42 28.60
CA GLN B 277 26.61 25.85 28.61
C GLN B 277 25.11 26.05 28.43
N SER B 278 24.53 25.27 27.53
CA SER B 278 23.10 25.34 27.25
C SER B 278 22.29 24.86 28.45
N ILE B 279 22.66 23.71 29.00
CA ILE B 279 21.97 23.16 30.16
C ILE B 279 21.97 24.18 31.29
N ASN B 280 23.07 24.92 31.40
CA ASN B 280 23.18 25.93 32.44
C ASN B 280 22.23 27.10 32.16
N LYS B 281 22.44 27.78 31.04
CA LYS B 281 21.61 28.92 30.67
C LYS B 281 20.12 28.60 30.73
N ALA B 282 19.78 27.34 30.43
CA ALA B 282 18.38 26.93 30.46
C ALA B 282 17.89 26.86 31.89
N ALA B 283 18.70 26.31 32.77
CA ALA B 283 18.35 26.19 34.19
C ALA B 283 18.14 27.58 34.79
N ASP B 284 18.97 28.53 34.37
CA ASP B 284 18.86 29.91 34.87
C ASP B 284 17.53 30.49 34.41
N LEU B 285 17.29 30.41 33.11
CA LEU B 285 16.07 30.92 32.50
C LEU B 285 14.83 30.30 33.13
N ILE B 286 14.92 29.03 33.52
CA ILE B 286 13.82 28.33 34.15
C ILE B 286 13.62 28.86 35.57
N ASN B 287 14.73 29.05 36.29
CA ASN B 287 14.66 29.56 37.65
C ASN B 287 14.15 31.00 37.67
N LEU B 288 14.17 31.63 36.52
CA LEU B 288 13.73 33.01 36.37
C LEU B 288 12.30 33.14 35.85
N ALA B 289 11.73 32.05 35.36
CA ALA B 289 10.37 32.05 34.81
C ALA B 289 9.27 32.34 35.83
N LYS B 290 8.21 33.00 35.38
CA LYS B 290 7.09 33.34 36.24
C LYS B 290 5.83 32.56 35.82
N LYS B 291 5.66 32.39 34.50
CA LYS B 291 4.52 31.66 33.95
C LYS B 291 5.09 30.62 32.99
N PRO B 292 5.79 29.61 33.53
CA PRO B 292 6.42 28.53 32.77
C PRO B 292 5.49 27.38 32.38
N VAL B 293 5.72 26.81 31.19
CA VAL B 293 4.91 25.70 30.70
C VAL B 293 5.82 24.62 30.11
N LEU B 294 5.54 23.36 30.45
CA LEU B 294 6.30 22.25 29.94
C LEU B 294 5.55 21.62 28.75
N TYR B 295 6.04 21.91 27.55
CA TYR B 295 5.45 21.40 26.30
C TYR B 295 6.22 20.12 25.95
N VAL B 296 5.64 18.99 26.35
CA VAL B 296 6.25 17.67 26.16
C VAL B 296 5.78 16.86 24.95
N GLY B 297 6.72 16.12 24.35
CA GLY B 297 6.42 15.31 23.19
C GLY B 297 6.90 13.87 23.31
N ALA B 298 6.78 13.14 22.21
CA ALA B 298 7.18 11.73 22.16
C ALA B 298 8.64 11.48 22.52
N GLY B 299 9.48 12.48 22.31
CA GLY B 299 10.89 12.34 22.62
C GLY B 299 11.15 11.87 24.05
N ILE B 300 10.33 12.33 24.98
CA ILE B 300 10.47 11.97 26.39
C ILE B 300 10.23 10.47 26.63
N LEU B 301 9.52 9.82 25.72
CA LEU B 301 9.23 8.39 25.83
C LEU B 301 10.32 7.50 25.26
N ASN B 302 11.30 8.10 24.58
CA ASN B 302 12.38 7.35 23.97
C ASN B 302 13.47 6.96 24.95
N HIS B 303 13.20 7.16 26.23
CA HIS B 303 14.15 6.80 27.28
C HIS B 303 13.35 6.31 28.46
N ALA B 304 13.76 5.16 29.00
CA ALA B 304 13.08 4.55 30.13
C ALA B 304 12.87 5.50 31.32
N ASP B 305 13.78 6.44 31.52
CA ASP B 305 13.65 7.35 32.64
C ASP B 305 12.92 8.66 32.31
N GLY B 306 12.52 8.81 31.05
CA GLY B 306 11.84 10.02 30.63
C GLY B 306 10.69 10.44 31.53
N PRO B 307 9.59 9.68 31.59
CA PRO B 307 8.45 10.03 32.43
C PRO B 307 8.83 10.37 33.87
N ARG B 308 9.67 9.52 34.47
CA ARG B 308 10.12 9.74 35.83
C ARG B 308 10.80 11.09 35.97
N LEU B 309 11.81 11.32 35.14
CA LEU B 309 12.54 12.58 35.18
C LEU B 309 11.67 13.78 34.81
N LEU B 310 10.63 13.53 34.03
CA LEU B 310 9.74 14.62 33.63
C LEU B 310 8.93 15.06 34.83
N LYS B 311 8.43 14.10 35.61
CA LYS B 311 7.64 14.42 36.80
C LYS B 311 8.51 15.15 37.81
N GLU B 312 9.73 14.66 37.98
CA GLU B 312 10.68 15.25 38.90
C GLU B 312 10.75 16.75 38.61
N LEU B 313 11.23 17.11 37.41
CA LEU B 313 11.33 18.52 37.03
C LEU B 313 10.03 19.29 37.25
N SER B 314 8.91 18.70 36.87
CA SER B 314 7.62 19.36 37.03
C SER B 314 7.36 19.64 38.50
N ASP B 315 7.55 18.64 39.35
CA ASP B 315 7.32 18.83 40.78
C ASP B 315 8.33 19.78 41.40
N ARG B 316 9.61 19.54 41.15
CA ARG B 316 10.67 20.39 41.70
C ARG B 316 10.44 21.87 41.44
N ALA B 317 10.12 22.24 40.21
CA ALA B 317 9.90 23.65 39.86
C ALA B 317 8.43 24.02 39.70
N GLN B 318 7.53 23.13 40.12
CA GLN B 318 6.09 23.37 40.02
C GLN B 318 5.72 23.96 38.66
N ILE B 319 5.95 23.19 37.60
CA ILE B 319 5.62 23.63 36.25
C ILE B 319 4.48 22.82 35.64
N PRO B 320 3.55 23.48 34.95
CA PRO B 320 2.39 22.83 34.31
C PRO B 320 2.87 22.05 33.09
N VAL B 321 2.34 20.84 32.90
CA VAL B 321 2.75 20.03 31.77
C VAL B 321 1.67 19.71 30.75
N THR B 322 1.90 20.13 29.51
CA THR B 322 0.98 19.86 28.42
C THR B 322 1.73 18.97 27.43
N THR B 323 1.05 17.95 26.91
CA THR B 323 1.69 17.04 25.97
C THR B 323 1.00 17.03 24.61
N THR B 324 1.76 16.64 23.60
CA THR B 324 1.26 16.54 22.24
C THR B 324 0.50 15.21 22.15
N LEU B 325 -0.08 14.95 20.98
CA LEU B 325 -0.81 13.71 20.78
C LEU B 325 0.11 12.53 21.06
N GLN B 326 1.34 12.62 20.55
CA GLN B 326 2.34 11.56 20.72
C GLN B 326 3.00 11.62 22.09
N GLY B 327 2.59 12.58 22.92
CA GLY B 327 3.16 12.73 24.24
C GLY B 327 2.27 12.12 25.31
N LEU B 328 0.98 11.97 25.02
CA LEU B 328 0.03 11.40 25.97
C LEU B 328 0.59 10.13 26.61
N GLY B 329 0.58 10.09 27.94
CA GLY B 329 1.08 8.92 28.64
C GLY B 329 2.41 9.13 29.33
N SER B 330 3.09 10.24 29.01
CA SER B 330 4.38 10.55 29.61
C SER B 330 4.17 11.29 30.93
N PHE B 331 3.01 11.92 31.07
CA PHE B 331 2.67 12.67 32.27
C PHE B 331 1.33 12.17 32.79
N ASP B 332 1.22 11.98 34.09
CA ASP B 332 -0.03 11.51 34.66
C ASP B 332 -1.03 12.66 34.63
N GLN B 333 -2.16 12.44 33.94
CA GLN B 333 -3.16 13.49 33.84
C GLN B 333 -3.99 13.63 35.12
N GLU B 334 -3.61 12.88 36.14
CA GLU B 334 -4.28 12.94 37.44
C GLU B 334 -3.61 14.03 38.27
N ASP B 335 -2.35 14.29 37.98
CA ASP B 335 -1.60 15.31 38.69
C ASP B 335 -2.28 16.64 38.38
N PRO B 336 -2.52 17.45 39.43
CA PRO B 336 -3.17 18.75 39.25
C PRO B 336 -2.38 19.71 38.36
N LYS B 337 -1.15 19.34 38.02
CA LYS B 337 -0.31 20.20 37.19
C LYS B 337 -0.43 19.87 35.70
N SER B 338 -1.31 18.92 35.37
CA SER B 338 -1.54 18.49 33.99
C SER B 338 -2.47 19.45 33.22
N LEU B 339 -1.98 19.97 32.10
CA LEU B 339 -2.77 20.87 31.27
C LEU B 339 -3.52 20.08 30.21
N ASP B 340 -3.12 18.82 30.05
CA ASP B 340 -3.70 17.90 29.06
C ASP B 340 -2.99 18.11 27.72
N MET B 341 -3.71 17.92 26.62
CA MET B 341 -3.14 18.07 25.28
C MET B 341 -3.35 19.46 24.68
N LEU B 342 -2.35 19.95 23.96
CA LEU B 342 -2.45 21.26 23.30
C LEU B 342 -2.63 21.00 21.82
N GLY B 343 -2.77 22.06 21.02
CA GLY B 343 -2.92 21.87 19.59
C GLY B 343 -4.29 22.27 19.06
N MET B 344 -4.54 21.97 17.79
CA MET B 344 -5.80 22.32 17.15
C MET B 344 -7.00 21.67 17.83
N HIS B 345 -6.81 20.47 18.35
CA HIS B 345 -7.89 19.76 19.04
C HIS B 345 -7.51 19.49 20.50
N GLY B 346 -6.60 20.30 21.03
CA GLY B 346 -6.18 20.12 22.42
C GLY B 346 -7.04 20.91 23.39
N CYS B 347 -6.88 20.61 24.67
CA CYS B 347 -7.62 21.27 25.75
C CYS B 347 -7.40 22.79 25.68
N ALA B 348 -8.47 23.56 25.81
CA ALA B 348 -8.39 25.01 25.74
C ALA B 348 -7.42 25.60 26.77
N THR B 349 -7.45 25.05 27.99
CA THR B 349 -6.57 25.51 29.06
C THR B 349 -5.12 25.38 28.64
N ALA B 350 -4.79 24.22 28.06
CA ALA B 350 -3.44 23.95 27.60
C ALA B 350 -2.97 24.99 26.59
N ASN B 351 -3.82 25.31 25.61
CA ASN B 351 -3.46 26.29 24.60
C ASN B 351 -3.26 27.68 25.19
N LEU B 352 -4.16 28.08 26.08
CA LEU B 352 -4.06 29.38 26.71
C LEU B 352 -2.77 29.53 27.52
N ALA B 353 -2.45 28.51 28.31
CA ALA B 353 -1.23 28.54 29.11
C ALA B 353 -0.03 28.76 28.20
N VAL B 354 0.01 28.01 27.10
CA VAL B 354 1.09 28.11 26.12
C VAL B 354 1.16 29.52 25.55
N GLN B 355 0.02 30.08 25.17
CA GLN B 355 -0.02 31.42 24.60
C GLN B 355 0.32 32.53 25.58
N ASN B 356 0.15 32.29 26.88
CA ASN B 356 0.44 33.30 27.89
C ASN B 356 1.75 33.09 28.65
N ALA B 357 2.37 31.93 28.46
CA ALA B 357 3.61 31.61 29.14
C ALA B 357 4.74 32.55 28.73
N ASP B 358 5.62 32.84 29.68
CA ASP B 358 6.77 33.71 29.44
C ASP B 358 7.93 32.80 29.04
N LEU B 359 7.81 31.53 29.42
CA LEU B 359 8.83 30.54 29.11
C LEU B 359 8.18 29.20 28.77
N ILE B 360 8.62 28.60 27.67
CA ILE B 360 8.10 27.32 27.24
C ILE B 360 9.27 26.35 27.19
N ILE B 361 9.19 25.28 27.98
CA ILE B 361 10.26 24.29 27.97
C ILE B 361 9.81 23.12 27.08
N ALA B 362 10.38 23.04 25.88
CA ALA B 362 10.03 22.00 24.92
C ALA B 362 10.92 20.76 25.09
N VAL B 363 10.30 19.64 25.44
CA VAL B 363 11.03 18.40 25.63
C VAL B 363 10.51 17.28 24.73
N GLY B 364 11.30 16.94 23.71
CA GLY B 364 10.91 15.89 22.79
C GLY B 364 9.70 16.22 21.94
N ALA B 365 9.62 17.45 21.45
CA ALA B 365 8.51 17.90 20.62
C ALA B 365 9.07 18.69 19.43
N ARG B 366 8.45 18.54 18.26
CA ARG B 366 8.93 19.22 17.05
C ARG B 366 8.12 20.39 16.51
N PHE B 367 7.24 20.97 17.31
CA PHE B 367 6.42 22.11 16.88
C PHE B 367 5.75 21.95 15.52
N ASP B 368 5.02 20.85 15.30
CA ASP B 368 4.37 20.68 14.00
C ASP B 368 3.12 21.56 13.91
N ASP B 369 2.58 21.71 12.70
CA ASP B 369 1.40 22.55 12.48
C ASP B 369 0.13 22.16 13.24
N ARG B 370 -0.02 20.89 13.59
CA ARG B 370 -1.20 20.46 14.34
C ARG B 370 -1.11 20.92 15.79
N VAL B 371 0.03 21.48 16.18
CA VAL B 371 0.25 21.94 17.55
C VAL B 371 0.39 23.44 17.70
N THR B 372 1.26 24.03 16.88
CA THR B 372 1.54 25.45 16.92
C THR B 372 0.43 26.38 16.47
N GLY B 373 -0.51 25.87 15.67
CA GLY B 373 -1.57 26.72 15.18
C GLY B 373 -0.93 27.70 14.20
N ASN B 374 -1.48 28.90 14.09
CA ASN B 374 -0.90 29.90 13.19
C ASN B 374 0.46 30.28 13.77
N ILE B 375 1.52 29.83 13.12
CA ILE B 375 2.89 30.07 13.59
C ILE B 375 3.24 31.50 14.00
N SER B 376 2.70 32.49 13.29
CA SER B 376 2.99 33.89 13.61
C SER B 376 2.28 34.36 14.88
N LYS B 377 1.26 33.62 15.32
CA LYS B 377 0.52 33.98 16.52
C LYS B 377 0.87 33.07 17.69
N PHE B 378 1.84 32.19 17.47
CA PHE B 378 2.25 31.22 18.48
C PHE B 378 3.16 31.80 19.56
N ALA B 379 2.96 31.31 20.79
CA ALA B 379 3.76 31.73 21.94
C ALA B 379 4.04 33.23 21.94
N PRO B 380 2.97 34.06 22.02
CA PRO B 380 3.14 35.52 22.02
C PRO B 380 3.88 36.06 23.26
N GLU B 381 3.47 35.61 24.45
CA GLU B 381 4.10 36.05 25.68
C GLU B 381 5.53 35.53 25.80
N ALA B 382 5.78 34.34 25.25
CA ALA B 382 7.10 33.77 25.29
C ALA B 382 8.02 34.67 24.45
N ARG B 383 7.47 35.25 23.39
CA ARG B 383 8.23 36.14 22.53
C ARG B 383 8.69 37.37 23.31
N ARG B 384 7.74 38.09 23.88
CA ARG B 384 8.06 39.28 24.66
C ARG B 384 9.10 38.94 25.72
N ALA B 385 8.86 37.85 26.45
CA ALA B 385 9.77 37.42 27.49
C ALA B 385 11.16 37.21 26.89
N ALA B 386 11.19 36.84 25.62
CA ALA B 386 12.45 36.61 24.93
C ALA B 386 13.07 37.94 24.50
N ALA B 387 12.23 38.88 24.11
CA ALA B 387 12.68 40.19 23.67
C ALA B 387 13.18 40.99 24.87
N GLU B 388 12.56 40.76 26.02
CA GLU B 388 12.95 41.44 27.24
C GLU B 388 13.90 40.56 28.03
N GLY B 389 14.56 39.65 27.33
CA GLY B 389 15.51 38.73 27.93
C GLY B 389 15.12 38.16 29.28
N ARG B 390 13.86 37.79 29.45
CA ARG B 390 13.39 37.23 30.71
C ARG B 390 12.62 35.93 30.49
N GLY B 391 12.94 35.25 29.39
CA GLY B 391 12.26 33.99 29.09
C GLY B 391 12.31 33.69 27.60
N GLY B 392 11.28 33.00 27.12
CA GLY B 392 11.22 32.66 25.70
C GLY B 392 10.95 31.19 25.45
N ILE B 393 11.82 30.56 24.66
CA ILE B 393 11.68 29.15 24.34
C ILE B 393 12.96 28.34 24.53
N ILE B 394 12.88 27.28 25.34
CA ILE B 394 14.03 26.40 25.55
C ILE B 394 13.61 25.12 24.84
N HIS B 395 14.50 24.53 24.06
CA HIS B 395 14.15 23.32 23.31
C HIS B 395 15.10 22.14 23.50
N PHE B 396 14.62 21.09 24.15
CA PHE B 396 15.43 19.88 24.34
C PHE B 396 15.20 18.99 23.13
N GLU B 397 16.12 19.06 22.17
CA GLU B 397 16.00 18.31 20.93
C GLU B 397 17.21 17.42 20.62
N VAL B 398 16.94 16.18 20.19
CA VAL B 398 18.01 15.25 19.86
C VAL B 398 18.54 15.48 18.46
N SER B 399 17.67 15.89 17.56
CA SER B 399 18.06 16.13 16.18
C SER B 399 18.22 17.62 15.89
N PRO B 400 19.45 18.05 15.61
CA PRO B 400 19.74 19.46 15.31
C PRO B 400 18.92 19.97 14.14
N LYS B 401 18.53 19.06 13.25
CA LYS B 401 17.73 19.42 12.09
C LYS B 401 16.39 20.01 12.50
N ASN B 402 15.88 19.59 13.65
CA ASN B 402 14.59 20.09 14.13
C ASN B 402 14.69 21.29 15.06
N ILE B 403 15.89 21.76 15.32
CA ILE B 403 16.07 22.92 16.19
C ILE B 403 16.02 24.20 15.36
N ASN B 404 15.14 25.11 15.77
CA ASN B 404 14.97 26.38 15.05
C ASN B 404 14.49 26.15 13.62
N LYS B 405 13.81 25.03 13.41
CA LYS B 405 13.29 24.70 12.09
C LYS B 405 11.96 25.42 11.89
N VAL B 406 11.13 25.43 12.93
CA VAL B 406 9.81 26.05 12.87
C VAL B 406 9.77 27.45 13.49
N VAL B 407 10.18 27.54 14.74
CA VAL B 407 10.19 28.81 15.45
C VAL B 407 11.56 29.02 16.09
N GLN B 408 12.01 30.27 16.11
CA GLN B 408 13.30 30.61 16.68
C GLN B 408 13.31 30.42 18.20
N THR B 409 14.26 29.61 18.68
CA THR B 409 14.39 29.31 20.10
C THR B 409 15.52 30.12 20.74
N GLN B 410 15.44 30.32 22.06
CA GLN B 410 16.45 31.06 22.80
C GLN B 410 17.59 30.15 23.22
N ILE B 411 17.22 29.02 23.81
CA ILE B 411 18.20 28.04 24.27
C ILE B 411 17.90 26.68 23.65
N ALA B 412 18.95 26.00 23.20
CA ALA B 412 18.80 24.69 22.58
C ALA B 412 19.70 23.66 23.25
N VAL B 413 19.09 22.73 23.98
CA VAL B 413 19.84 21.69 24.65
C VAL B 413 19.83 20.44 23.78
N GLU B 414 20.91 20.25 23.02
CA GLU B 414 21.02 19.09 22.14
C GLU B 414 21.25 17.78 22.88
N GLY B 415 20.81 16.69 22.27
CA GLY B 415 20.99 15.38 22.86
C GLY B 415 19.69 14.77 23.35
N ASP B 416 19.81 13.60 23.98
CA ASP B 416 18.67 12.90 24.53
C ASP B 416 18.02 13.73 25.63
N ALA B 417 16.77 14.12 25.42
CA ALA B 417 16.04 14.93 26.40
C ALA B 417 16.15 14.42 27.82
N THR B 418 15.87 13.13 28.02
CA THR B 418 15.93 12.55 29.35
C THR B 418 17.31 12.75 29.98
N THR B 419 18.35 12.45 29.22
CA THR B 419 19.72 12.60 29.72
C THR B 419 20.03 14.01 30.17
N ASN B 420 19.70 14.99 29.34
CA ASN B 420 19.97 16.37 29.69
C ASN B 420 19.08 16.88 30.82
N LEU B 421 17.90 16.27 30.98
CA LEU B 421 17.01 16.69 32.06
C LEU B 421 17.63 16.26 33.38
N GLY B 422 18.29 15.10 33.39
CA GLY B 422 18.91 14.63 34.61
C GLY B 422 20.09 15.52 34.95
N LYS B 423 20.90 15.84 33.95
CA LYS B 423 22.06 16.69 34.14
C LYS B 423 21.71 18.10 34.60
N MET B 424 20.51 18.57 34.22
CA MET B 424 20.08 19.91 34.58
C MET B 424 19.31 19.99 35.90
N MET B 425 18.80 18.86 36.35
CA MET B 425 18.00 18.81 37.58
C MET B 425 18.53 19.62 38.77
N SER B 426 19.72 19.29 39.24
CA SER B 426 20.33 19.96 40.39
C SER B 426 20.39 21.48 40.27
N LYS B 427 20.58 21.98 39.05
CA LYS B 427 20.68 23.42 38.81
C LYS B 427 19.33 24.12 38.85
N ILE B 428 18.28 23.36 39.13
CA ILE B 428 16.93 23.92 39.19
C ILE B 428 16.54 24.22 40.64
N PHE B 429 16.13 25.46 40.89
CA PHE B 429 15.72 25.90 42.21
C PHE B 429 14.32 25.36 42.53
N PRO B 430 14.19 24.59 43.62
CA PRO B 430 12.90 24.00 44.04
C PRO B 430 11.85 25.05 44.37
N VAL B 431 10.94 25.30 43.43
CA VAL B 431 9.88 26.28 43.62
C VAL B 431 8.92 25.85 44.71
N LYS B 432 8.49 26.82 45.52
CA LYS B 432 7.56 26.59 46.62
C LYS B 432 6.15 26.39 46.07
N GLU B 433 5.70 27.36 45.29
CA GLU B 433 4.37 27.34 44.69
C GLU B 433 4.24 28.49 43.70
N ARG B 434 3.31 28.37 42.76
CA ARG B 434 3.08 29.42 41.76
C ARG B 434 1.61 29.77 41.77
N SER B 435 1.03 29.87 42.96
CA SER B 435 -0.39 30.17 43.15
C SER B 435 -1.02 31.15 42.14
N GLU B 436 -0.26 32.15 41.71
CA GLU B 436 -0.76 33.13 40.75
C GLU B 436 -0.99 32.50 39.37
N TRP B 437 0.04 31.81 38.87
CA TRP B 437 0.00 31.12 37.57
C TRP B 437 -1.11 30.06 37.61
N PHE B 438 -1.08 29.25 38.67
CA PHE B 438 -2.04 28.19 38.88
C PHE B 438 -3.47 28.70 39.07
N ALA B 439 -3.59 29.92 39.57
CA ALA B 439 -4.90 30.50 39.78
C ALA B 439 -5.53 30.72 38.42
N GLN B 440 -4.77 31.35 37.52
CA GLN B 440 -5.22 31.62 36.16
C GLN B 440 -5.52 30.33 35.42
N ILE B 441 -4.62 29.36 35.57
CA ILE B 441 -4.79 28.06 34.91
C ILE B 441 -6.04 27.35 35.42
N ASN B 442 -6.21 27.28 36.74
CA ASN B 442 -7.38 26.63 37.29
C ASN B 442 -8.65 27.40 36.93
N LYS B 443 -8.47 28.67 36.59
CA LYS B 443 -9.59 29.52 36.21
C LYS B 443 -10.07 29.04 34.84
N TRP B 444 -9.12 28.71 33.96
CA TRP B 444 -9.45 28.23 32.62
C TRP B 444 -10.04 26.82 32.69
N LYS B 445 -9.44 25.94 33.48
CA LYS B 445 -9.93 24.58 33.62
C LYS B 445 -11.39 24.55 33.99
N LYS B 446 -11.80 25.50 34.81
CA LYS B 446 -13.19 25.57 35.24
C LYS B 446 -14.06 26.11 34.11
N GLU B 447 -13.49 26.95 33.27
CA GLU B 447 -14.24 27.56 32.17
C GLU B 447 -14.30 26.79 30.85
N TYR B 448 -13.15 26.29 30.38
CA TYR B 448 -13.13 25.58 29.10
C TYR B 448 -12.80 24.09 29.14
N PRO B 449 -13.73 23.26 29.63
CA PRO B 449 -13.45 21.82 29.67
C PRO B 449 -13.82 21.15 28.34
N TYR B 450 -13.62 19.84 28.26
CA TYR B 450 -13.96 19.08 27.05
C TYR B 450 -15.47 18.85 27.02
N ALA B 451 -16.23 19.92 26.76
CA ALA B 451 -17.68 19.83 26.72
C ALA B 451 -18.19 19.34 25.36
N TYR B 452 -19.36 18.72 25.39
CA TYR B 452 -20.01 18.20 24.19
C TYR B 452 -21.50 17.95 24.48
N MET B 453 -22.29 17.80 23.43
CA MET B 453 -23.72 17.55 23.59
C MET B 453 -23.91 16.13 24.13
N GLU B 454 -24.25 16.02 25.42
CA GLU B 454 -24.45 14.71 26.04
C GLU B 454 -25.79 14.08 25.65
N GLU B 455 -25.89 12.77 25.85
CA GLU B 455 -27.09 12.01 25.53
C GLU B 455 -28.37 12.46 26.23
N THR B 456 -29.43 12.58 25.46
CA THR B 456 -30.73 12.92 25.98
C THR B 456 -31.52 11.62 25.84
N PRO B 457 -32.77 11.59 26.34
CA PRO B 457 -33.52 10.33 26.19
C PRO B 457 -33.84 9.97 24.74
N GLY B 458 -33.62 8.71 24.39
CA GLY B 458 -33.91 8.25 23.04
C GLY B 458 -32.94 8.70 21.97
N SER B 459 -32.04 9.62 22.33
CA SER B 459 -31.05 10.09 21.38
C SER B 459 -29.99 9.03 21.18
N LYS B 460 -29.14 9.20 20.17
CA LYS B 460 -28.08 8.24 19.91
C LYS B 460 -26.98 8.39 20.94
N ILE B 461 -26.18 7.34 21.08
CA ILE B 461 -25.06 7.36 22.01
C ILE B 461 -24.05 8.38 21.47
N LYS B 462 -23.43 9.16 22.35
CA LYS B 462 -22.46 10.15 21.92
C LYS B 462 -21.07 9.53 21.96
N PRO B 463 -20.30 9.69 20.87
CA PRO B 463 -18.96 9.12 20.81
C PRO B 463 -18.07 9.41 22.03
N GLN B 464 -18.05 10.66 22.47
CA GLN B 464 -17.24 11.04 23.61
C GLN B 464 -17.58 10.25 24.86
N THR B 465 -18.87 10.03 25.07
CA THR B 465 -19.34 9.27 26.21
C THR B 465 -18.75 7.86 26.22
N VAL B 466 -18.84 7.17 25.09
CA VAL B 466 -18.30 5.82 24.99
C VAL B 466 -16.85 5.81 25.44
N ILE B 467 -16.08 6.78 24.97
CA ILE B 467 -14.67 6.86 25.32
C ILE B 467 -14.47 6.99 26.83
N LYS B 468 -15.20 7.91 27.44
CA LYS B 468 -15.08 8.11 28.88
C LYS B 468 -15.45 6.83 29.61
N LYS B 469 -16.61 6.28 29.26
CA LYS B 469 -17.08 5.05 29.89
C LYS B 469 -16.09 3.90 29.74
N LEU B 470 -15.55 3.71 28.53
CA LEU B 470 -14.59 2.63 28.29
C LEU B 470 -13.32 2.89 29.09
N SER B 471 -12.92 4.15 29.17
CA SER B 471 -11.72 4.53 29.91
C SER B 471 -11.81 4.01 31.34
N LYS B 472 -12.97 4.18 31.96
CA LYS B 472 -13.18 3.73 33.32
C LYS B 472 -13.23 2.21 33.40
N VAL B 473 -14.06 1.60 32.56
CA VAL B 473 -14.19 0.16 32.54
C VAL B 473 -12.83 -0.52 32.35
N ALA B 474 -12.08 -0.05 31.36
CA ALA B 474 -10.77 -0.61 31.08
C ALA B 474 -9.87 -0.43 32.29
N ASN B 475 -9.88 0.78 32.85
CA ASN B 475 -9.06 1.09 34.01
C ASN B 475 -9.43 0.23 35.22
N ASP B 476 -10.72 0.08 35.48
CA ASP B 476 -11.17 -0.70 36.62
C ASP B 476 -10.80 -2.19 36.58
N THR B 477 -10.19 -2.63 35.49
CA THR B 477 -9.81 -4.03 35.39
C THR B 477 -8.45 -4.23 36.08
N GLY B 478 -7.75 -3.13 36.32
CA GLY B 478 -6.46 -3.21 36.97
C GLY B 478 -5.34 -3.80 36.12
N ARG B 479 -5.63 -4.07 34.85
CA ARG B 479 -4.64 -4.62 33.94
C ARG B 479 -3.88 -3.49 33.25
N HIS B 480 -2.77 -3.82 32.59
CA HIS B 480 -2.05 -2.79 31.86
C HIS B 480 -2.85 -2.58 30.59
N VAL B 481 -3.16 -1.32 30.29
CA VAL B 481 -3.95 -1.01 29.12
C VAL B 481 -3.17 -0.27 28.05
N ILE B 482 -3.31 -0.73 26.81
CA ILE B 482 -2.66 -0.09 25.66
C ILE B 482 -3.77 0.23 24.68
N VAL B 483 -3.79 1.46 24.20
CA VAL B 483 -4.81 1.90 23.26
C VAL B 483 -4.21 2.28 21.92
N THR B 484 -4.81 1.77 20.85
CA THR B 484 -4.39 2.11 19.50
C THR B 484 -5.63 2.71 18.85
N THR B 485 -5.46 3.49 17.80
CA THR B 485 -6.61 4.10 17.15
C THR B 485 -6.44 4.22 15.65
N GLY B 486 -7.52 4.59 15.00
CA GLY B 486 -7.49 4.81 13.57
C GLY B 486 -7.20 6.29 13.45
N VAL B 487 -7.64 6.90 12.36
CA VAL B 487 -7.40 8.32 12.17
C VAL B 487 -8.72 9.04 11.93
N GLY B 488 -8.95 10.10 12.69
CA GLY B 488 -10.18 10.83 12.56
C GLY B 488 -10.71 11.32 13.89
N GLN B 489 -11.99 11.68 13.91
CA GLN B 489 -12.63 12.18 15.12
C GLN B 489 -12.49 11.25 16.30
N HIS B 490 -12.76 9.96 16.09
CA HIS B 490 -12.66 8.97 17.16
C HIS B 490 -11.26 9.01 17.78
N GLN B 491 -10.27 9.29 16.95
CA GLN B 491 -8.89 9.35 17.39
C GLN B 491 -8.71 10.55 18.33
N MET B 492 -9.29 11.69 17.97
CA MET B 492 -9.19 12.88 18.79
C MET B 492 -9.97 12.73 20.08
N TRP B 493 -11.14 12.10 20.01
CA TRP B 493 -11.93 11.91 21.20
C TRP B 493 -11.25 10.92 22.14
N ALA B 494 -10.56 9.95 21.58
CA ALA B 494 -9.85 8.97 22.41
C ALA B 494 -8.75 9.72 23.14
N ALA B 495 -8.07 10.62 22.43
CA ALA B 495 -7.01 11.41 23.01
C ALA B 495 -7.54 12.32 24.12
N GLN B 496 -8.60 13.06 23.81
CA GLN B 496 -9.20 13.99 24.76
C GLN B 496 -9.86 13.38 25.99
N HIS B 497 -10.78 12.46 25.76
CA HIS B 497 -11.54 11.87 26.85
C HIS B 497 -11.02 10.67 27.60
N TRP B 498 -9.86 10.16 27.21
CA TRP B 498 -9.31 9.03 27.93
C TRP B 498 -8.41 9.65 29.00
N THR B 499 -8.29 8.99 30.13
CA THR B 499 -7.45 9.50 31.20
C THR B 499 -6.10 8.80 31.11
N TRP B 500 -5.13 9.51 30.56
CA TRP B 500 -3.79 8.97 30.37
C TRP B 500 -2.93 9.07 31.61
N ARG B 501 -2.26 7.97 31.95
CA ARG B 501 -1.42 7.93 33.14
C ARG B 501 -0.12 7.14 32.98
N ASN B 502 -0.13 6.12 32.15
CA ASN B 502 1.04 5.28 31.96
C ASN B 502 1.70 5.50 30.61
N PRO B 503 3.04 5.54 30.57
CA PRO B 503 3.79 5.74 29.33
C PRO B 503 3.73 4.51 28.43
N HIS B 504 3.79 4.74 27.12
CA HIS B 504 3.75 3.65 26.15
C HIS B 504 2.41 2.93 26.16
N THR B 505 1.33 3.68 26.33
CA THR B 505 0.01 3.08 26.37
C THR B 505 -0.94 3.67 25.33
N PHE B 506 -0.46 4.65 24.57
CA PHE B 506 -1.27 5.25 23.51
C PHE B 506 -0.47 5.19 22.22
N ILE B 507 -0.90 4.33 21.31
CA ILE B 507 -0.22 4.14 20.04
C ILE B 507 -1.09 4.60 18.89
N THR B 508 -0.83 5.82 18.39
CA THR B 508 -1.63 6.39 17.32
C THR B 508 -0.77 7.04 16.23
N SER B 509 -1.29 7.06 15.00
CA SER B 509 -0.58 7.66 13.87
C SER B 509 -0.86 9.16 13.85
N GLY B 510 0.18 9.96 14.07
CA GLY B 510 -0.03 11.39 14.10
C GLY B 510 0.62 12.20 12.99
N GLY B 511 1.87 11.92 12.70
CA GLY B 511 2.56 12.65 11.67
C GLY B 511 1.98 12.46 10.28
N LEU B 512 1.90 11.21 9.84
CA LEU B 512 1.36 10.91 8.53
C LEU B 512 -0.14 10.73 8.64
N GLY B 513 -0.60 10.22 9.78
CA GLY B 513 -2.03 10.03 9.99
C GLY B 513 -2.62 8.99 9.04
N THR B 514 -2.21 7.75 9.20
CA THR B 514 -2.65 6.66 8.35
C THR B 514 -3.90 5.91 8.82
N MET B 515 -5.00 6.07 8.08
CA MET B 515 -6.22 5.35 8.43
C MET B 515 -5.93 3.87 8.26
N GLY B 516 -6.46 3.04 9.16
CA GLY B 516 -6.23 1.61 9.07
C GLY B 516 -5.10 1.14 9.97
N TYR B 517 -4.47 2.10 10.64
CA TYR B 517 -3.34 1.84 11.54
C TYR B 517 -3.82 1.07 12.77
N GLY B 518 -5.01 1.44 13.25
CA GLY B 518 -5.58 0.83 14.44
C GLY B 518 -5.43 -0.66 14.67
N LEU B 519 -6.14 -1.46 13.87
CA LEU B 519 -6.11 -2.91 14.01
C LEU B 519 -4.73 -3.55 13.95
N PRO B 520 -4.00 -3.36 12.83
CA PRO B 520 -2.66 -3.96 12.74
C PRO B 520 -1.72 -3.51 13.84
N ALA B 521 -1.83 -2.25 14.26
CA ALA B 521 -0.98 -1.73 15.32
C ALA B 521 -1.32 -2.44 16.64
N ALA B 522 -2.61 -2.62 16.89
CA ALA B 522 -3.06 -3.28 18.10
C ALA B 522 -2.47 -4.69 18.15
N ILE B 523 -2.52 -5.39 17.02
CA ILE B 523 -1.99 -6.74 16.93
C ILE B 523 -0.51 -6.74 17.29
N GLY B 524 0.24 -5.81 16.73
CA GLY B 524 1.66 -5.74 17.03
C GLY B 524 1.87 -5.44 18.51
N ALA B 525 1.11 -4.50 19.03
CA ALA B 525 1.23 -4.13 20.43
C ALA B 525 0.93 -5.34 21.32
N GLN B 526 -0.12 -6.09 20.98
CA GLN B 526 -0.49 -7.26 21.77
C GLN B 526 0.60 -8.33 21.75
N VAL B 527 1.35 -8.38 20.64
CA VAL B 527 2.43 -9.36 20.53
C VAL B 527 3.59 -8.92 21.41
N ALA B 528 3.76 -7.61 21.53
CA ALA B 528 4.82 -7.04 22.34
C ALA B 528 4.51 -7.20 23.83
N LYS B 529 3.25 -6.97 24.19
CA LYS B 529 2.80 -7.05 25.57
C LYS B 529 1.65 -8.05 25.71
N PRO B 530 1.95 -9.35 25.65
CA PRO B 530 0.98 -10.44 25.74
C PRO B 530 -0.03 -10.31 26.88
N GLU B 531 0.41 -9.82 28.02
CA GLU B 531 -0.47 -9.71 29.19
C GLU B 531 -1.32 -8.45 29.25
N SER B 532 -1.03 -7.50 28.38
CA SER B 532 -1.78 -6.25 28.39
C SER B 532 -3.15 -6.34 27.73
N LEU B 533 -4.05 -5.47 28.16
CA LEU B 533 -5.37 -5.37 27.59
C LEU B 533 -5.16 -4.35 26.47
N VAL B 534 -5.14 -4.83 25.23
CA VAL B 534 -4.94 -3.96 24.09
C VAL B 534 -6.26 -3.63 23.42
N ILE B 535 -6.59 -2.34 23.39
CA ILE B 535 -7.83 -1.88 22.81
C ILE B 535 -7.60 -0.96 21.62
N ASP B 536 -8.29 -1.24 20.52
CA ASP B 536 -8.19 -0.43 19.32
C ASP B 536 -9.46 0.38 19.18
N ILE B 537 -9.37 1.68 19.43
CA ILE B 537 -10.52 2.56 19.28
C ILE B 537 -10.47 3.02 17.84
N ASP B 538 -11.29 2.41 17.00
CA ASP B 538 -11.32 2.71 15.58
C ASP B 538 -12.55 3.43 15.07
N GLY B 539 -12.44 3.87 13.81
CA GLY B 539 -13.52 4.54 13.13
C GLY B 539 -13.95 3.59 12.03
N ASP B 540 -15.19 3.68 11.58
CA ASP B 540 -15.64 2.77 10.54
C ASP B 540 -14.81 2.88 9.25
N ALA B 541 -14.61 4.08 8.74
CA ALA B 541 -13.83 4.25 7.53
C ALA B 541 -12.40 3.72 7.71
N SER B 542 -11.75 4.12 8.80
CA SER B 542 -10.40 3.66 9.08
C SER B 542 -10.34 2.15 9.18
N PHE B 543 -11.32 1.56 9.87
CA PHE B 543 -11.35 0.12 10.02
C PHE B 543 -11.39 -0.60 8.68
N ASN B 544 -12.18 -0.08 7.73
CA ASN B 544 -12.30 -0.71 6.41
C ASN B 544 -10.97 -0.87 5.67
N MET B 545 -10.09 0.12 5.81
CA MET B 545 -8.79 0.11 5.16
C MET B 545 -7.99 -1.18 5.34
N THR B 546 -7.94 -1.68 6.57
CA THR B 546 -7.15 -2.88 6.84
C THR B 546 -7.88 -3.97 7.59
N LEU B 547 -9.21 -3.96 7.52
CA LEU B 547 -10.03 -4.93 8.23
C LEU B 547 -9.72 -6.40 7.93
N THR B 548 -8.92 -6.66 6.90
CA THR B 548 -8.57 -8.04 6.57
C THR B 548 -7.64 -8.66 7.60
N GLU B 549 -6.87 -7.83 8.29
CA GLU B 549 -5.93 -8.32 9.30
C GLU B 549 -6.67 -8.90 10.50
N LEU B 550 -7.99 -8.80 10.47
CA LEU B 550 -8.84 -9.32 11.54
C LEU B 550 -8.54 -10.81 11.74
N SER B 551 -8.38 -11.55 10.65
CA SER B 551 -8.09 -12.97 10.75
C SER B 551 -6.66 -13.20 11.24
N SER B 552 -5.77 -12.25 10.96
CA SER B 552 -4.37 -12.36 11.39
C SER B 552 -4.35 -12.35 12.91
N ALA B 553 -5.20 -11.52 13.50
CA ALA B 553 -5.30 -11.42 14.94
C ALA B 553 -5.58 -12.81 15.50
N VAL B 554 -6.51 -13.52 14.85
CA VAL B 554 -6.88 -14.85 15.27
C VAL B 554 -5.71 -15.82 15.09
N GLN B 555 -5.07 -15.77 13.93
CA GLN B 555 -3.95 -16.65 13.65
C GLN B 555 -2.79 -16.41 14.61
N ALA B 556 -2.54 -15.15 14.94
CA ALA B 556 -1.43 -14.81 15.84
C ALA B 556 -1.76 -15.01 17.32
N GLY B 557 -3.04 -15.25 17.62
CA GLY B 557 -3.44 -15.45 19.00
C GLY B 557 -3.39 -14.20 19.84
N THR B 558 -3.65 -13.06 19.21
CA THR B 558 -3.64 -11.77 19.90
C THR B 558 -5.08 -11.38 20.22
N PRO B 559 -5.49 -11.52 21.49
CA PRO B 559 -6.84 -11.20 21.98
C PRO B 559 -7.16 -9.71 22.03
N VAL B 560 -6.92 -9.01 20.92
CA VAL B 560 -7.19 -7.58 20.85
C VAL B 560 -8.68 -7.27 20.95
N LYS B 561 -9.01 -6.10 21.48
CA LYS B 561 -10.40 -5.69 21.60
C LYS B 561 -10.60 -4.56 20.60
N ILE B 562 -11.38 -4.84 19.55
CA ILE B 562 -11.63 -3.84 18.52
C ILE B 562 -12.92 -3.09 18.78
N LEU B 563 -12.81 -1.78 18.97
CA LEU B 563 -13.99 -0.95 19.19
C LEU B 563 -14.21 -0.04 17.98
N ILE B 564 -15.39 -0.13 17.38
CA ILE B 564 -15.67 0.70 16.22
C ILE B 564 -16.74 1.74 16.54
N LEU B 565 -16.35 3.01 16.56
CA LEU B 565 -17.29 4.08 16.79
C LEU B 565 -17.86 4.35 15.41
N ASN B 566 -18.98 3.70 15.11
CA ASN B 566 -19.60 3.81 13.80
C ASN B 566 -20.56 4.99 13.65
N ASN B 567 -20.11 6.01 12.91
CA ASN B 567 -20.93 7.18 12.62
C ASN B 567 -21.29 7.16 11.15
N GLU B 568 -21.03 6.03 10.52
CA GLU B 568 -21.31 5.81 9.10
C GLU B 568 -20.86 6.96 8.22
N GLU B 569 -19.65 7.47 8.47
CA GLU B 569 -19.12 8.59 7.69
C GLU B 569 -17.63 8.79 7.98
N GLN B 570 -16.98 9.59 7.15
CA GLN B 570 -15.58 9.91 7.32
C GLN B 570 -15.59 11.20 8.15
N GLY B 571 -15.99 11.04 9.41
CA GLY B 571 -16.11 12.13 10.36
C GLY B 571 -15.24 13.37 10.29
N MET B 572 -13.93 13.19 10.39
CA MET B 572 -13.04 14.35 10.35
C MET B 572 -13.19 15.14 9.07
N VAL B 573 -13.44 14.44 7.97
CA VAL B 573 -13.57 15.11 6.68
C VAL B 573 -14.93 15.78 6.54
N THR B 574 -15.98 15.14 7.02
CA THR B 574 -17.31 15.72 6.96
C THR B 574 -17.36 16.92 7.89
N GLN B 575 -16.59 16.87 8.97
CA GLN B 575 -16.54 17.99 9.91
C GLN B 575 -15.96 19.19 9.17
N TRP B 576 -14.88 18.96 8.44
CA TRP B 576 -14.22 20.02 7.68
C TRP B 576 -15.08 20.50 6.52
N GLN B 577 -15.81 19.57 5.92
CA GLN B 577 -16.70 19.91 4.81
C GLN B 577 -17.86 20.73 5.35
N SER B 578 -18.27 20.41 6.58
CA SER B 578 -19.37 21.12 7.24
C SER B 578 -18.92 22.53 7.60
N LEU B 579 -17.69 22.63 8.07
CA LEU B 579 -17.12 23.89 8.48
C LEU B 579 -16.70 24.80 7.33
N PHE B 580 -15.82 24.31 6.46
CA PHE B 580 -15.31 25.12 5.36
C PHE B 580 -15.99 25.00 3.99
N TYR B 581 -16.65 23.88 3.71
CA TYR B 581 -17.30 23.73 2.40
C TYR B 581 -18.83 23.64 2.43
N GLU B 582 -19.46 24.56 3.14
CA GLU B 582 -20.93 24.66 3.25
C GLU B 582 -21.74 23.36 3.30
N HIS B 583 -21.34 22.45 4.19
CA HIS B 583 -22.03 21.16 4.36
C HIS B 583 -22.20 20.38 3.05
N ARG B 584 -21.16 20.38 2.22
CA ARG B 584 -21.19 19.65 0.95
C ARG B 584 -20.33 18.40 1.08
N TYR B 585 -20.97 17.32 1.53
CA TYR B 585 -20.28 16.04 1.75
C TYR B 585 -20.02 15.29 0.47
N SER B 586 -18.85 15.54 -0.11
CA SER B 586 -18.46 14.91 -1.36
C SER B 586 -17.69 13.62 -1.17
N HIS B 587 -18.38 12.49 -1.33
CA HIS B 587 -17.79 11.17 -1.23
C HIS B 587 -17.17 10.84 0.12
N THR B 588 -17.82 11.29 1.19
CA THR B 588 -17.33 11.05 2.54
C THR B 588 -18.20 10.05 3.31
N HIS B 589 -19.04 9.32 2.57
CA HIS B 589 -19.92 8.32 3.15
C HIS B 589 -19.83 6.99 2.43
N GLN B 590 -18.97 6.12 2.93
CA GLN B 590 -18.79 4.79 2.33
C GLN B 590 -19.84 3.81 2.86
N LEU B 591 -20.12 2.78 2.09
CA LEU B 591 -21.07 1.76 2.47
C LEU B 591 -20.30 0.77 3.34
N ASN B 592 -20.79 0.53 4.55
CA ASN B 592 -20.11 -0.39 5.47
C ASN B 592 -20.67 -1.80 5.46
N PRO B 593 -19.83 -2.79 5.80
CA PRO B 593 -20.30 -4.18 5.82
C PRO B 593 -20.89 -4.42 7.20
N ASP B 594 -21.47 -5.60 7.42
CA ASP B 594 -22.02 -5.91 8.74
C ASP B 594 -20.78 -6.26 9.57
N PHE B 595 -20.37 -5.34 10.43
CA PHE B 595 -19.19 -5.53 11.26
C PHE B 595 -19.25 -6.75 12.16
N ILE B 596 -20.44 -7.06 12.67
CA ILE B 596 -20.60 -8.21 13.55
C ILE B 596 -20.46 -9.50 12.75
N LYS B 597 -21.15 -9.58 11.62
CA LYS B 597 -21.05 -10.77 10.77
C LYS B 597 -19.62 -10.88 10.25
N LEU B 598 -19.01 -9.73 9.97
CA LEU B 598 -17.64 -9.70 9.48
C LEU B 598 -16.73 -10.34 10.51
N ALA B 599 -16.86 -9.87 11.75
CA ALA B 599 -16.06 -10.38 12.86
C ALA B 599 -16.26 -11.89 12.98
N GLU B 600 -17.52 -12.31 12.97
CA GLU B 600 -17.83 -13.72 13.07
C GLU B 600 -17.18 -14.49 11.93
N ALA B 601 -17.26 -13.96 10.73
CA ALA B 601 -16.65 -14.61 9.57
C ALA B 601 -15.13 -14.71 9.73
N MET B 602 -14.53 -13.67 10.32
CA MET B 602 -13.09 -13.64 10.52
C MET B 602 -12.61 -14.53 11.66
N GLY B 603 -13.54 -14.96 12.51
CA GLY B 603 -13.17 -15.83 13.62
C GLY B 603 -13.11 -15.19 15.00
N LEU B 604 -13.78 -14.06 15.16
CA LEU B 604 -13.79 -13.34 16.44
C LEU B 604 -15.20 -13.24 16.96
N LYS B 605 -15.33 -12.79 18.20
CA LYS B 605 -16.64 -12.59 18.82
C LYS B 605 -17.07 -11.21 18.35
N GLY B 606 -18.35 -11.06 18.02
CA GLY B 606 -18.84 -9.77 17.56
C GLY B 606 -19.98 -9.24 18.39
N LEU B 607 -19.86 -7.99 18.83
CA LEU B 607 -20.88 -7.36 19.65
C LEU B 607 -21.27 -6.02 19.06
N ARG B 608 -22.55 -5.67 19.19
CA ARG B 608 -23.06 -4.39 18.69
C ARG B 608 -23.93 -3.73 19.76
N VAL B 609 -23.93 -2.40 19.78
CA VAL B 609 -24.72 -1.64 20.74
C VAL B 609 -25.38 -0.47 20.03
N LYS B 610 -26.68 -0.30 20.26
CA LYS B 610 -27.42 0.80 19.65
C LYS B 610 -28.02 1.67 20.74
N LYS B 611 -28.62 1.02 21.73
CA LYS B 611 -29.28 1.70 22.83
C LYS B 611 -28.37 2.15 23.95
N GLN B 612 -28.60 3.37 24.44
CA GLN B 612 -27.84 3.93 25.55
C GLN B 612 -27.84 2.97 26.73
N GLU B 613 -29.02 2.41 27.02
CA GLU B 613 -29.22 1.51 28.14
C GLU B 613 -28.27 0.32 28.18
N GLU B 614 -27.88 -0.17 27.00
CA GLU B 614 -27.00 -1.33 26.91
C GLU B 614 -25.49 -1.06 26.85
N LEU B 615 -25.12 0.20 26.66
CA LEU B 615 -23.71 0.54 26.55
C LEU B 615 -22.83 0.00 27.66
N ASP B 616 -23.18 0.26 28.91
CA ASP B 616 -22.38 -0.20 30.03
C ASP B 616 -22.19 -1.72 30.06
N ALA B 617 -23.28 -2.46 29.86
CA ALA B 617 -23.20 -3.92 29.87
C ALA B 617 -22.27 -4.41 28.78
N LYS B 618 -22.45 -3.88 27.57
CA LYS B 618 -21.63 -4.28 26.44
C LYS B 618 -20.16 -3.95 26.62
N LEU B 619 -19.86 -2.77 27.15
CA LEU B 619 -18.48 -2.37 27.37
C LEU B 619 -17.80 -3.34 28.33
N LYS B 620 -18.53 -3.77 29.36
CA LYS B 620 -17.97 -4.70 30.33
C LYS B 620 -17.76 -6.07 29.70
N GLU B 621 -18.73 -6.53 28.91
CA GLU B 621 -18.60 -7.82 28.25
C GLU B 621 -17.44 -7.74 27.26
N PHE B 622 -17.33 -6.60 26.59
CA PHE B 622 -16.28 -6.34 25.61
C PHE B 622 -14.91 -6.55 26.24
N VAL B 623 -14.64 -5.83 27.32
CA VAL B 623 -13.35 -5.94 28.01
C VAL B 623 -13.13 -7.30 28.64
N SER B 624 -14.21 -7.91 29.12
CA SER B 624 -14.13 -9.22 29.77
C SER B 624 -13.90 -10.40 28.85
N THR B 625 -14.40 -10.31 27.62
CA THR B 625 -14.25 -11.40 26.66
C THR B 625 -12.80 -11.87 26.53
N LYS B 626 -12.59 -13.18 26.61
CA LYS B 626 -11.27 -13.74 26.46
C LYS B 626 -11.12 -14.02 24.97
N GLY B 627 -9.99 -13.63 24.39
CA GLY B 627 -9.79 -13.83 22.96
C GLY B 627 -10.11 -12.55 22.22
N PRO B 628 -9.81 -12.47 20.91
CA PRO B 628 -10.11 -11.24 20.16
C PRO B 628 -11.62 -11.01 20.06
N VAL B 629 -12.02 -9.74 20.10
CA VAL B 629 -13.42 -9.38 20.02
C VAL B 629 -13.63 -8.00 19.40
N LEU B 630 -14.74 -7.84 18.67
CA LEU B 630 -15.07 -6.57 18.04
C LEU B 630 -16.43 -6.08 18.52
N LEU B 631 -16.49 -4.81 18.93
CA LEU B 631 -17.71 -4.20 19.40
C LEU B 631 -18.02 -2.97 18.58
N GLU B 632 -19.17 -2.96 17.93
CA GLU B 632 -19.57 -1.82 17.12
C GLU B 632 -20.56 -1.00 17.93
N VAL B 633 -20.26 0.27 18.13
CA VAL B 633 -21.15 1.17 18.86
C VAL B 633 -21.71 2.23 17.93
N GLU B 634 -22.99 2.14 17.60
CA GLU B 634 -23.60 3.13 16.74
C GLU B 634 -23.65 4.46 17.50
N VAL B 635 -22.95 5.46 16.98
CA VAL B 635 -22.91 6.76 17.63
C VAL B 635 -23.56 7.85 16.80
N ASP B 636 -23.77 9.00 17.44
CA ASP B 636 -24.40 10.12 16.79
C ASP B 636 -23.49 10.63 15.67
N LYS B 637 -24.09 10.92 14.52
CA LYS B 637 -23.35 11.38 13.36
C LYS B 637 -23.22 12.89 13.30
N LYS B 638 -22.28 13.35 12.47
CA LYS B 638 -22.03 14.78 12.28
C LYS B 638 -21.73 15.52 13.58
N VAL B 639 -21.02 14.84 14.48
CA VAL B 639 -20.65 15.44 15.76
C VAL B 639 -19.25 16.02 15.65
N PRO B 640 -19.12 17.34 15.79
CA PRO B 640 -17.81 17.98 15.69
C PRO B 640 -16.87 17.81 16.89
N VAL B 641 -15.59 17.65 16.59
CA VAL B 641 -14.56 17.49 17.62
C VAL B 641 -14.16 18.89 18.05
N LEU B 642 -14.36 19.19 19.33
CA LEU B 642 -14.02 20.51 19.85
C LEU B 642 -13.23 20.40 21.15
N PRO B 643 -12.48 21.46 21.52
CA PRO B 643 -12.36 22.70 20.75
C PRO B 643 -11.58 22.51 19.46
N MET B 644 -11.50 23.54 18.63
CA MET B 644 -10.79 23.44 17.36
C MET B 644 -10.04 24.70 16.94
N VAL B 645 -8.79 24.51 16.50
CA VAL B 645 -7.94 25.61 16.04
C VAL B 645 -7.51 25.30 14.61
N ALA B 646 -8.23 25.85 13.64
CA ALA B 646 -7.91 25.63 12.23
C ALA B 646 -7.60 26.95 11.53
N GLY B 647 -7.22 26.86 10.27
CA GLY B 647 -6.92 28.05 9.49
C GLY B 647 -5.80 28.90 10.07
N GLY B 648 -5.97 30.21 10.02
CA GLY B 648 -4.98 31.13 10.53
C GLY B 648 -5.24 31.58 11.95
N SER B 649 -5.83 30.69 12.74
CA SER B 649 -6.14 30.98 14.13
C SER B 649 -4.97 30.64 15.04
N GLY B 650 -4.73 31.46 16.04
CA GLY B 650 -3.66 31.20 16.98
C GLY B 650 -4.24 30.20 17.96
N LEU B 651 -3.42 29.56 18.77
CA LEU B 651 -3.92 28.58 19.73
C LEU B 651 -4.99 29.10 20.68
N ASP B 652 -5.05 30.43 20.84
CA ASP B 652 -6.03 31.04 21.73
C ASP B 652 -7.31 31.47 21.00
N GLU B 653 -7.28 31.41 19.67
CA GLU B 653 -8.45 31.79 18.87
C GLU B 653 -9.19 30.53 18.43
N PHE B 654 -9.39 29.62 19.37
CA PHE B 654 -10.07 28.35 19.12
C PHE B 654 -11.59 28.46 19.13
N ILE B 655 -12.26 27.47 18.54
CA ILE B 655 -13.71 27.42 18.49
C ILE B 655 -14.13 26.55 19.67
N ASN B 656 -15.07 27.02 20.48
CA ASN B 656 -15.51 26.25 21.63
C ASN B 656 -16.87 25.61 21.39
N PHE B 657 -17.25 24.69 22.26
CA PHE B 657 -18.53 24.01 22.15
C PHE B 657 -19.67 24.87 22.70
N ASP B 658 -20.79 24.86 22.00
CA ASP B 658 -21.96 25.63 22.40
C ASP B 658 -23.18 24.81 22.05
N PRO B 659 -23.99 24.44 23.06
CA PRO B 659 -25.20 23.63 22.82
C PRO B 659 -26.14 24.24 21.78
N GLU B 660 -26.35 25.55 21.88
CA GLU B 660 -27.21 26.28 20.95
C GLU B 660 -26.59 26.30 19.56
N VAL B 661 -25.38 26.84 19.48
CA VAL B 661 -24.66 26.91 18.21
C VAL B 661 -24.75 25.58 17.46
N GLU B 662 -24.65 24.48 18.20
CA GLU B 662 -24.71 23.17 17.58
C GLU B 662 -26.10 22.80 17.06
N ARG B 663 -27.14 23.13 17.82
CA ARG B 663 -28.50 22.83 17.39
C ARG B 663 -28.82 23.62 16.13
N GLN B 664 -28.22 24.79 16.01
CA GLN B 664 -28.43 25.66 14.86
C GLN B 664 -27.64 25.13 13.67
N GLN B 665 -26.52 24.49 13.97
CA GLN B 665 -25.66 23.92 12.94
C GLN B 665 -26.33 22.68 12.35
N THR B 666 -27.00 21.92 13.21
CA THR B 666 -27.71 20.72 12.79
C THR B 666 -28.83 21.12 11.84
N GLU B 667 -29.58 22.16 12.22
CA GLU B 667 -30.68 22.64 11.38
C GLU B 667 -30.15 23.15 10.05
N LEU B 668 -28.98 23.78 10.09
CA LEU B 668 -28.36 24.30 8.88
C LEU B 668 -27.94 23.15 7.96
N ARG B 669 -27.43 22.08 8.57
CA ARG B 669 -27.01 20.92 7.81
C ARG B 669 -28.23 20.27 7.16
N HIS B 670 -29.30 20.14 7.93
CA HIS B 670 -30.53 19.55 7.43
C HIS B 670 -31.07 20.33 6.23
N LYS B 671 -31.06 21.64 6.33
CA LYS B 671 -31.57 22.49 5.25
C LYS B 671 -30.72 22.41 3.98
N ARG B 672 -29.40 22.43 4.14
CA ARG B 672 -28.49 22.37 3.00
C ARG B 672 -28.41 21.02 2.31
N THR B 673 -28.74 19.96 3.04
CA THR B 673 -28.68 18.61 2.47
C THR B 673 -30.08 18.07 2.16
N GLY B 674 -31.08 18.94 2.24
CA GLY B 674 -32.44 18.54 1.97
C GLY B 674 -33.02 17.75 3.13
N GLY B 675 -32.14 17.18 3.95
CA GLY B 675 -32.56 16.40 5.10
C GLY B 675 -31.82 15.09 5.18
N LYS B 676 -30.95 14.83 4.23
CA LYS B 676 -30.17 13.59 4.18
C LYS B 676 -29.19 13.47 5.35
N HIS B 677 -28.69 14.61 5.83
CA HIS B 677 -27.74 14.62 6.94
C HIS B 677 -28.08 15.73 7.92
#